data_5AO5
#
_entry.id   5AO5
#
_cell.length_a   126.370
_cell.length_b   92.370
_cell.length_c   127.650
_cell.angle_alpha   90.00
_cell.angle_beta   100.31
_cell.angle_gamma   90.00
#
_symmetry.space_group_name_H-M   'C 1 2 1'
#
loop_
_entity.id
_entity.type
_entity.pdbx_description
1 polymer 'C-TYPE MANNOSE RECEPTOR 2'
2 non-polymer 'SODIUM ION'
3 non-polymer 'SULFATE ION'
4 water water
#
_entity_poly.entity_id   1
_entity_poly.type   'polypeptide(L)'
_entity_poly.pdbx_seq_one_letter_code
;APLADAALPEPNVFLIFSHGLQGCLEAQGGQVRVTPACNTSLPAQRWKWVSRNRLFNLGTMQCLGTGWPGTNTTASLGMY
ECDREALNLRWHCRTLGDQLSLLLGARTSNISKPGTLERGDQTRSGQWRIYGSEEDLCALPYHEVYTIQGNSHGKPCTIP
FKYDNQWFHGCTSTGREDGHLWCATTQDYGKDERWGFCPIKSNDCETFWDKDQLTDSCYQFNFQSTLSWREAWASCEQQG
ADLLSITEIHEQTYINGLLTGYSSTLWIGLNDLDTSGGWQWSDNSPLKYLNWESDQPDNPSEENCGVIRTESSGGWQNRD
CSIALPYVCKKKPNATAEPTPPDRWANVKVECEPSWQPFQGHCYRLQAEKRSWQESKKACLRGGGDLVSIHSMAELEFIT
KQIKQEVEELWIGLNDLKLQMNFEWSDGSLVSFTHWHPFEPNNFRDSLEDCVTIWGPEGRWNDSPCNQSLPSICKKAGQL
SG
;
_entity_poly.pdbx_strand_id   A,B
#
loop_
_chem_comp.id
_chem_comp.type
_chem_comp.name
_chem_comp.formula
NA non-polymer 'SODIUM ION' 'Na 1'
SO4 non-polymer 'SULFATE ION' 'O4 S -2'
#
# COMPACT_ATOMS: atom_id res chain seq x y z
N GLU A 10 0.49 -29.56 26.27
CA GLU A 10 -0.18 -30.80 25.90
C GLU A 10 -1.64 -30.79 26.38
N PRO A 11 -2.49 -29.99 25.73
CA PRO A 11 -3.88 -29.82 26.15
C PRO A 11 -4.87 -30.79 25.49
N ASN A 12 -4.46 -31.38 24.37
CA ASN A 12 -5.30 -32.32 23.64
C ASN A 12 -5.07 -33.75 24.10
N VAL A 13 -4.04 -33.94 24.92
CA VAL A 13 -3.68 -35.28 25.40
C VAL A 13 -4.58 -35.71 26.56
N PHE A 14 -4.87 -37.00 26.66
CA PHE A 14 -5.78 -37.50 27.69
C PHE A 14 -5.60 -38.99 27.99
N LEU A 15 -6.01 -39.39 29.20
CA LEU A 15 -6.02 -40.80 29.60
C LEU A 15 -7.39 -41.43 29.36
N ILE A 16 -7.39 -42.73 29.12
CA ILE A 16 -8.60 -43.47 28.79
C ILE A 16 -8.94 -44.46 29.91
N PHE A 17 -10.00 -44.17 30.65
CA PHE A 17 -10.39 -44.96 31.81
C PHE A 17 -11.57 -45.87 31.53
N SER A 18 -11.52 -47.08 32.08
CA SER A 18 -12.63 -48.04 32.00
C SER A 18 -13.28 -48.21 33.37
N HIS A 19 -14.57 -47.92 33.46
CA HIS A 19 -15.29 -48.15 34.70
C HIS A 19 -15.49 -49.66 34.90
N GLY A 20 -15.62 -50.38 33.79
CA GLY A 20 -15.85 -51.81 33.83
C GLY A 20 -14.64 -52.63 34.26
N LEU A 21 -13.44 -52.09 34.01
CA LEU A 21 -12.21 -52.79 34.34
C LEU A 21 -11.45 -52.02 35.42
N GLN A 22 -11.88 -50.78 35.66
CA GLN A 22 -11.33 -49.97 36.75
C GLN A 22 -9.82 -49.76 36.57
N GLY A 23 -9.45 -49.14 35.45
CA GLY A 23 -8.07 -48.85 35.14
C GLY A 23 -7.93 -48.05 33.86
N CYS A 24 -6.71 -47.58 33.58
CA CYS A 24 -6.46 -46.77 32.39
C CYS A 24 -5.79 -47.60 31.29
N LEU A 25 -6.08 -47.23 30.04
CA LEU A 25 -5.50 -47.94 28.90
C LEU A 25 -4.03 -47.58 28.75
N GLU A 26 -3.19 -48.60 28.65
CA GLU A 26 -1.74 -48.43 28.64
C GLU A 26 -1.16 -49.12 27.42
N ALA A 27 -0.05 -48.59 26.92
CA ALA A 27 0.66 -49.14 25.78
C ALA A 27 2.10 -49.46 26.12
N GLN A 28 2.45 -50.75 26.13
CA GLN A 28 3.82 -51.15 26.44
C GLN A 28 4.38 -51.97 25.30
N GLY A 29 5.60 -51.62 24.87
CA GLY A 29 6.22 -52.33 23.78
C GLY A 29 5.38 -52.20 22.53
N GLY A 30 4.64 -53.27 22.25
CA GLY A 30 3.70 -53.33 21.15
C GLY A 30 2.38 -53.87 21.63
N GLN A 31 2.16 -53.80 22.95
CA GLN A 31 0.98 -54.38 23.57
C GLN A 31 0.12 -53.31 24.21
N VAL A 32 -1.14 -53.66 24.45
CA VAL A 32 -2.10 -52.74 25.04
C VAL A 32 -2.84 -53.40 26.20
N ARG A 33 -2.82 -52.76 27.36
CA ARG A 33 -3.45 -53.34 28.54
C ARG A 33 -4.19 -52.27 29.33
N VAL A 34 -4.93 -52.71 30.35
CA VAL A 34 -5.54 -51.82 31.32
C VAL A 34 -4.81 -52.01 32.63
N THR A 35 -4.31 -50.91 33.20
CA THR A 35 -3.63 -50.96 34.50
C THR A 35 -4.46 -50.23 35.54
N PRO A 36 -4.60 -50.81 36.74
CA PRO A 36 -5.31 -50.07 37.79
C PRO A 36 -4.51 -48.87 38.27
N ALA A 37 -3.22 -48.86 37.94
CA ALA A 37 -2.32 -47.80 38.35
C ALA A 37 -2.36 -46.61 37.40
N CYS A 38 -3.49 -45.91 37.35
CA CYS A 38 -3.62 -44.74 36.51
C CYS A 38 -2.64 -43.66 36.97
N ASN A 39 -1.86 -43.16 36.02
CA ASN A 39 -0.86 -42.13 36.29
C ASN A 39 -0.75 -41.20 35.10
N THR A 40 -1.18 -39.95 35.28
CA THR A 40 -1.26 -39.00 34.18
C THR A 40 0.11 -38.52 33.70
N SER A 41 1.16 -38.96 34.38
CA SER A 41 2.53 -38.58 34.03
C SER A 41 3.14 -39.54 33.02
N LEU A 42 2.67 -40.79 33.04
CA LEU A 42 3.21 -41.83 32.17
C LEU A 42 2.77 -41.65 30.71
N PRO A 43 3.73 -41.34 29.81
CA PRO A 43 3.36 -41.21 28.40
C PRO A 43 2.80 -42.49 27.81
N ALA A 44 3.02 -43.61 28.48
CA ALA A 44 2.47 -44.89 28.04
C ALA A 44 0.96 -44.91 28.15
N GLN A 45 0.42 -44.02 28.97
CA GLN A 45 -1.02 -43.91 29.19
C GLN A 45 -1.61 -42.64 28.54
N ARG A 46 -0.75 -41.85 27.92
CA ARG A 46 -1.17 -40.61 27.28
C ARG A 46 -1.58 -40.84 25.83
N TRP A 47 -2.82 -40.48 25.50
CA TRP A 47 -3.37 -40.68 24.16
C TRP A 47 -3.80 -39.36 23.55
N LYS A 48 -3.97 -39.36 22.22
CA LYS A 48 -4.27 -38.13 21.50
C LYS A 48 -4.87 -38.49 20.15
N TRP A 49 -6.02 -37.90 19.81
CA TRP A 49 -6.59 -38.09 18.48
C TRP A 49 -5.72 -37.35 17.46
N VAL A 50 -5.50 -37.97 16.30
CA VAL A 50 -4.71 -37.37 15.24
C VAL A 50 -5.43 -37.53 13.90
N SER A 51 -4.79 -37.09 12.82
CA SER A 51 -5.44 -37.07 11.51
C SER A 51 -5.81 -38.48 11.04
N ARG A 52 -6.79 -38.54 10.16
CA ARG A 52 -7.30 -39.79 9.60
C ARG A 52 -7.75 -40.80 10.65
N ASN A 53 -8.39 -40.29 11.71
CA ASN A 53 -9.13 -41.14 12.65
C ASN A 53 -8.28 -42.20 13.31
N ARG A 54 -7.05 -41.82 13.63
CA ARG A 54 -6.16 -42.71 14.36
C ARG A 54 -6.00 -42.21 15.78
N LEU A 55 -5.66 -43.14 16.68
CA LEU A 55 -5.48 -42.81 18.09
C LEU A 55 -4.01 -43.01 18.42
N PHE A 56 -3.37 -41.92 18.83
CA PHE A 56 -1.93 -41.85 18.97
C PHE A 56 -1.49 -41.95 20.42
N ASN A 57 -0.48 -42.79 20.66
CA ASN A 57 0.09 -42.96 21.99
C ASN A 57 1.42 -42.24 22.08
N LEU A 58 1.59 -41.42 23.12
CA LEU A 58 2.76 -40.57 23.23
C LEU A 58 3.97 -41.30 23.78
N GLY A 59 3.72 -42.37 24.53
CA GLY A 59 4.81 -43.16 25.07
C GLY A 59 5.52 -43.97 24.01
N THR A 60 4.73 -44.64 23.17
CA THR A 60 5.27 -45.52 22.14
C THR A 60 5.45 -44.79 20.82
N MET A 61 4.92 -43.56 20.74
CA MET A 61 4.95 -42.79 19.50
C MET A 61 4.34 -43.60 18.37
N GLN A 62 3.31 -44.37 18.69
CA GLN A 62 2.67 -45.25 17.73
C GLN A 62 1.15 -45.11 17.79
N CYS A 63 0.46 -45.86 16.93
CA CYS A 63 -1.00 -45.81 16.82
C CYS A 63 -1.65 -47.13 17.17
N LEU A 64 -2.78 -47.05 17.89
CA LEU A 64 -3.59 -48.20 18.21
C LEU A 64 -4.15 -48.87 16.95
N GLY A 65 -4.02 -50.19 16.87
CA GLY A 65 -4.48 -50.94 15.71
C GLY A 65 -5.05 -52.31 15.99
N THR A 66 -5.77 -52.84 15.01
CA THR A 66 -6.31 -54.18 15.07
C THR A 66 -6.26 -54.80 13.66
N GLY A 67 -6.63 -56.08 13.54
CA GLY A 67 -6.52 -56.76 12.26
C GLY A 67 -7.70 -56.52 11.35
N TRP A 68 -7.44 -56.57 10.05
CA TRP A 68 -8.53 -56.55 9.06
C TRP A 68 -9.24 -57.89 9.06
N PRO A 69 -10.51 -57.90 8.62
CA PRO A 69 -11.27 -59.16 8.58
C PRO A 69 -10.55 -60.21 7.71
N GLY A 70 -10.18 -61.35 8.29
CA GLY A 70 -9.52 -62.39 7.51
C GLY A 70 -8.67 -63.37 8.30
N THR A 71 -8.05 -62.89 9.37
CA THR A 71 -7.12 -63.70 10.17
C THR A 71 -7.80 -64.94 10.76
N ALA A 75 -8.41 -61.57 16.67
CA ALA A 75 -8.67 -60.13 16.85
C ALA A 75 -8.11 -59.62 18.16
N SER A 76 -7.18 -58.69 18.08
CA SER A 76 -6.49 -58.17 19.26
C SER A 76 -6.10 -56.71 19.07
N LEU A 77 -5.67 -56.09 20.17
CA LEU A 77 -5.16 -54.74 20.15
C LEU A 77 -3.64 -54.76 20.12
N GLY A 78 -3.06 -53.76 19.47
CA GLY A 78 -1.61 -53.62 19.42
C GLY A 78 -1.20 -52.22 19.00
N MET A 79 0.09 -51.93 19.17
CA MET A 79 0.66 -50.66 18.75
C MET A 79 1.43 -50.84 17.46
N TYR A 80 1.28 -49.89 16.53
CA TYR A 80 1.91 -50.00 15.23
C TYR A 80 2.37 -48.63 14.72
N GLU A 81 3.38 -48.64 13.85
CA GLU A 81 3.82 -47.41 13.20
C GLU A 81 2.63 -46.82 12.46
N CYS A 82 2.44 -45.52 12.62
CA CYS A 82 1.20 -44.87 12.21
C CYS A 82 0.97 -44.87 10.70
N ASP A 83 1.99 -45.21 9.92
CA ASP A 83 1.85 -45.27 8.45
C ASP A 83 1.64 -46.71 7.94
N ARG A 84 1.47 -47.67 8.86
CA ARG A 84 1.15 -49.04 8.50
C ARG A 84 -0.28 -49.18 7.97
N GLU A 85 -0.43 -49.82 6.81
CA GLU A 85 -1.74 -50.03 6.21
C GLU A 85 -2.21 -51.47 6.27
N ALA A 86 -1.31 -52.38 6.65
CA ALA A 86 -1.60 -53.80 6.75
C ALA A 86 -2.50 -54.09 7.94
N LEU A 87 -2.71 -53.06 8.76
CA LEU A 87 -3.58 -53.16 9.91
C LEU A 87 -4.56 -52.00 9.92
N ASN A 88 -5.71 -52.21 10.56
CA ASN A 88 -6.70 -51.17 10.72
C ASN A 88 -6.33 -50.31 11.92
N LEU A 89 -5.96 -49.06 11.63
CA LEU A 89 -5.59 -48.09 12.66
C LEU A 89 -6.69 -47.05 12.88
N ARG A 90 -7.85 -47.26 12.26
CA ARG A 90 -8.95 -46.29 12.31
C ARG A 90 -9.98 -46.55 13.41
N TRP A 91 -10.24 -45.51 14.20
CA TRP A 91 -11.21 -45.60 15.28
C TRP A 91 -12.11 -44.38 15.29
N HIS A 92 -13.31 -44.54 15.85
CA HIS A 92 -14.23 -43.42 16.04
C HIS A 92 -14.54 -43.25 17.52
N CYS A 93 -14.54 -42.00 17.98
CA CYS A 93 -14.68 -41.71 19.40
C CYS A 93 -16.01 -42.21 19.96
N ARG A 94 -16.99 -42.42 19.08
CA ARG A 94 -18.31 -42.88 19.49
C ARG A 94 -18.41 -44.39 19.66
N THR A 95 -17.55 -45.13 18.95
CA THR A 95 -17.59 -46.58 18.99
C THR A 95 -16.32 -47.18 19.59
N LEU A 96 -15.37 -46.32 19.96
CA LEU A 96 -14.10 -46.81 20.50
C LEU A 96 -14.29 -47.64 21.75
N GLY A 97 -15.17 -47.18 22.65
CA GLY A 97 -15.46 -47.88 23.89
C GLY A 97 -15.96 -49.30 23.65
N ASP A 98 -16.91 -49.43 22.74
CA ASP A 98 -17.47 -50.73 22.41
C ASP A 98 -16.39 -51.66 21.85
N GLN A 99 -15.46 -51.10 21.08
CA GLN A 99 -14.36 -51.88 20.50
C GLN A 99 -13.38 -52.31 21.58
N LEU A 100 -13.06 -51.41 22.49
CA LEU A 100 -12.18 -51.77 23.61
C LEU A 100 -12.81 -52.80 24.52
N SER A 101 -14.08 -52.62 24.87
CA SER A 101 -14.79 -53.59 25.69
C SER A 101 -14.81 -54.95 25.02
N LEU A 102 -15.01 -54.95 23.71
CA LEU A 102 -15.06 -56.18 22.93
C LEU A 102 -13.73 -56.92 22.98
N LEU A 103 -12.65 -56.19 22.72
CA LEU A 103 -11.34 -56.79 22.53
C LEU A 103 -10.60 -57.05 23.84
N LEU A 104 -11.15 -56.56 24.95
CA LEU A 104 -10.56 -56.79 26.27
C LEU A 104 -11.47 -57.61 27.18
N GLY A 105 -12.62 -58.03 26.66
CA GLY A 105 -13.56 -58.85 27.39
C GLY A 105 -14.21 -58.18 28.59
N ALA A 106 -14.57 -56.90 28.42
CA ALA A 106 -15.23 -56.13 29.47
C ALA A 106 -16.74 -56.15 29.28
N GLY A 126 -16.49 -51.76 30.34
CA GLY A 126 -17.89 -51.39 30.37
C GLY A 126 -18.13 -50.03 29.74
N GLN A 127 -18.00 -48.98 30.56
CA GLN A 127 -18.18 -47.62 30.10
C GLN A 127 -16.81 -46.96 30.04
N TRP A 128 -16.46 -46.35 28.90
CA TRP A 128 -15.15 -45.72 28.77
C TRP A 128 -15.25 -44.19 28.75
N ARG A 129 -14.41 -43.55 29.57
CA ARG A 129 -14.42 -42.10 29.72
C ARG A 129 -13.00 -41.57 29.81
N ILE A 130 -12.83 -40.28 29.61
CA ILE A 130 -11.54 -39.63 29.83
C ILE A 130 -11.23 -39.62 31.32
N TYR A 131 -10.02 -40.03 31.67
CA TYR A 131 -9.62 -40.14 33.07
C TYR A 131 -9.74 -38.79 33.76
N GLY A 132 -10.29 -38.79 34.98
CA GLY A 132 -10.46 -37.56 35.72
C GLY A 132 -11.70 -36.75 35.38
N SER A 133 -12.58 -37.31 34.58
CA SER A 133 -13.77 -36.59 34.13
C SER A 133 -14.95 -37.50 33.82
N GLU A 134 -16.09 -36.87 33.52
CA GLU A 134 -17.29 -37.59 33.08
C GLU A 134 -17.45 -37.45 31.58
N GLU A 135 -16.47 -36.83 30.93
CA GLU A 135 -16.52 -36.60 29.49
C GLU A 135 -16.26 -37.88 28.72
N ASP A 136 -17.01 -38.08 27.62
CA ASP A 136 -16.79 -39.24 26.78
C ASP A 136 -15.54 -39.04 25.94
N LEU A 137 -15.19 -40.05 25.16
CA LEU A 137 -13.94 -40.04 24.40
C LEU A 137 -14.01 -39.14 23.15
N CYS A 138 -15.17 -38.48 22.94
CA CYS A 138 -15.33 -37.54 21.85
C CYS A 138 -15.05 -36.10 22.27
N ALA A 139 -14.59 -35.92 23.50
CA ALA A 139 -14.47 -34.58 24.09
C ALA A 139 -13.27 -33.79 23.59
N LEU A 140 -12.20 -34.48 23.22
CA LEU A 140 -10.98 -33.83 22.74
C LEU A 140 -10.65 -34.26 21.32
N PRO A 141 -11.46 -33.81 20.34
CA PRO A 141 -11.29 -34.25 18.96
C PRO A 141 -10.09 -33.63 18.27
N TYR A 142 -9.68 -34.23 17.16
CA TYR A 142 -8.58 -33.71 16.34
C TYR A 142 -9.06 -32.51 15.54
N HIS A 143 -8.28 -31.43 15.56
CA HIS A 143 -8.59 -30.24 14.78
C HIS A 143 -7.52 -30.03 13.72
N GLU A 144 -7.95 -29.77 12.49
CA GLU A 144 -7.03 -29.49 11.41
C GLU A 144 -6.38 -28.12 11.59
N VAL A 145 -5.06 -28.09 11.50
CA VAL A 145 -4.27 -26.86 11.62
C VAL A 145 -3.72 -26.46 10.26
N TYR A 146 -4.24 -25.35 9.72
CA TYR A 146 -3.88 -24.93 8.37
C TYR A 146 -2.54 -24.17 8.37
N THR A 147 -1.71 -24.45 7.38
CA THR A 147 -0.35 -23.90 7.33
C THR A 147 -0.32 -22.50 6.72
N ILE A 148 0.65 -21.72 7.16
CA ILE A 148 0.88 -20.37 6.65
C ILE A 148 2.08 -20.37 5.72
N GLN A 149 1.91 -19.77 4.54
CA GLN A 149 2.95 -19.73 3.52
C GLN A 149 3.42 -21.16 3.20
N GLY A 150 4.73 -21.40 3.19
CA GLY A 150 5.23 -22.71 2.81
C GLY A 150 4.86 -23.04 1.37
N ASN A 151 4.89 -24.33 1.03
CA ASN A 151 4.64 -24.78 -0.34
C ASN A 151 3.38 -25.65 -0.49
N SER A 152 2.51 -25.64 0.52
CA SER A 152 1.37 -26.55 0.53
C SER A 152 0.01 -25.86 0.33
N HIS A 153 0.04 -24.58 -0.03
CA HIS A 153 -1.19 -23.83 -0.35
C HIS A 153 -2.21 -23.85 0.80
N GLY A 154 -1.72 -23.82 2.04
CA GLY A 154 -2.59 -23.77 3.20
C GLY A 154 -3.09 -25.12 3.68
N LYS A 155 -2.69 -26.19 3.00
CA LYS A 155 -3.05 -27.56 3.41
C LYS A 155 -2.72 -27.80 4.88
N PRO A 156 -3.58 -28.52 5.60
CA PRO A 156 -3.31 -28.63 7.04
C PRO A 156 -2.15 -29.56 7.36
N CYS A 157 -1.55 -29.37 8.54
CA CYS A 157 -0.53 -30.27 9.07
C CYS A 157 -1.02 -31.73 9.09
N THR A 158 -0.20 -32.64 8.60
CA THR A 158 -0.48 -34.07 8.76
C THR A 158 0.07 -34.52 10.10
N ILE A 159 -0.82 -34.85 11.03
CA ILE A 159 -0.44 -35.31 12.36
C ILE A 159 -0.72 -36.81 12.51
N PRO A 160 0.31 -37.61 12.84
CA PRO A 160 1.73 -37.27 13.01
C PRO A 160 2.46 -37.29 11.68
N PHE A 161 3.65 -36.69 11.64
CA PHE A 161 4.50 -36.76 10.46
C PHE A 161 5.93 -37.19 10.82
N LYS A 162 6.59 -37.83 9.86
CA LYS A 162 7.96 -38.31 10.03
C LYS A 162 8.92 -37.32 9.39
N TYR A 163 9.96 -36.93 10.13
CA TYR A 163 11.00 -36.07 9.60
C TYR A 163 12.36 -36.51 10.18
N ASP A 164 13.31 -36.80 9.30
CA ASP A 164 14.60 -37.38 9.69
C ASP A 164 14.34 -38.61 10.56
N ASN A 165 13.40 -39.43 10.09
CA ASN A 165 13.06 -40.69 10.73
C ASN A 165 12.48 -40.56 12.13
N GLN A 166 12.03 -39.36 12.48
CA GLN A 166 11.45 -39.10 13.79
C GLN A 166 9.98 -38.68 13.66
N TRP A 167 9.11 -39.23 14.51
CA TRP A 167 7.71 -38.84 14.48
C TRP A 167 7.45 -37.57 15.27
N PHE A 168 6.56 -36.73 14.74
CA PHE A 168 6.09 -35.54 15.42
C PHE A 168 4.57 -35.52 15.43
N HIS A 169 3.99 -35.32 16.60
CA HIS A 169 2.54 -35.28 16.74
C HIS A 169 2.08 -33.83 16.92
N GLY A 170 2.91 -32.91 16.49
CA GLY A 170 2.62 -31.49 16.61
C GLY A 170 3.64 -30.67 15.85
N CYS A 171 3.55 -29.35 15.98
CA CYS A 171 4.47 -28.45 15.29
C CYS A 171 5.87 -28.50 15.95
N THR A 172 6.90 -28.23 15.15
CA THR A 172 8.27 -28.26 15.65
C THR A 172 9.11 -27.22 14.93
N SER A 173 10.22 -26.82 15.55
CA SER A 173 11.16 -25.87 14.94
C SER A 173 12.50 -26.54 14.62
N THR A 174 12.64 -27.82 14.94
CA THR A 174 13.87 -28.57 14.64
C THR A 174 14.09 -28.60 13.13
N GLY A 175 15.33 -28.33 12.72
CA GLY A 175 15.67 -28.22 11.31
C GLY A 175 15.62 -26.78 10.84
N ARG A 176 15.35 -25.87 11.77
CA ARG A 176 15.26 -24.44 11.46
C ARG A 176 16.03 -23.61 12.47
N GLU A 177 16.80 -22.65 11.96
CA GLU A 177 17.61 -21.80 12.82
C GLU A 177 16.73 -20.75 13.50
N ASP A 178 15.91 -20.07 12.72
CA ASP A 178 15.09 -18.96 13.24
C ASP A 178 14.15 -19.39 14.34
N GLY A 179 13.90 -20.70 14.45
CA GLY A 179 13.09 -21.23 15.51
C GLY A 179 11.60 -21.18 15.24
N HIS A 180 11.24 -20.83 14.01
CA HIS A 180 9.83 -20.79 13.63
C HIS A 180 9.23 -22.20 13.58
N LEU A 181 8.01 -22.32 14.07
CA LEU A 181 7.31 -23.60 14.11
C LEU A 181 6.74 -23.95 12.74
N TRP A 182 6.90 -25.22 12.37
CA TRP A 182 6.44 -25.70 11.06
C TRP A 182 5.99 -27.14 11.18
N CYS A 183 5.46 -27.67 10.08
CA CYS A 183 4.99 -29.05 10.04
C CYS A 183 4.89 -29.53 8.60
N ALA A 184 5.00 -30.85 8.41
CA ALA A 184 4.80 -31.45 7.09
C ALA A 184 3.31 -31.55 6.82
N THR A 185 2.95 -31.50 5.53
CA THR A 185 1.54 -31.62 5.13
C THR A 185 1.33 -32.95 4.44
N THR A 186 2.36 -33.81 4.51
CA THR A 186 2.20 -35.24 4.30
C THR A 186 2.86 -35.91 5.50
N GLN A 187 2.68 -37.22 5.64
CA GLN A 187 3.22 -37.91 6.81
C GLN A 187 4.72 -38.17 6.70
N ASP A 188 5.27 -38.00 5.50
CA ASP A 188 6.68 -38.32 5.24
C ASP A 188 7.39 -37.16 4.54
N TYR A 189 7.98 -36.26 5.33
CA TYR A 189 8.64 -35.11 4.77
C TYR A 189 9.84 -35.48 3.87
N GLY A 190 10.60 -36.48 4.28
CA GLY A 190 11.77 -36.92 3.52
C GLY A 190 11.41 -37.28 2.09
N LYS A 191 10.23 -37.85 1.91
CA LYS A 191 9.77 -38.29 0.60
C LYS A 191 9.16 -37.15 -0.24
N ASP A 192 8.24 -36.38 0.34
CA ASP A 192 7.43 -35.42 -0.41
C ASP A 192 7.89 -33.97 -0.29
N GLU A 193 8.54 -33.65 0.81
CA GLU A 193 9.03 -32.28 1.07
C GLU A 193 7.93 -31.22 0.94
N ARG A 194 6.74 -31.57 1.43
CA ARG A 194 5.62 -30.64 1.50
C ARG A 194 5.47 -30.16 2.93
N TRP A 195 5.37 -28.85 3.12
CA TRP A 195 5.41 -28.26 4.46
C TRP A 195 4.73 -26.91 4.52
N GLY A 196 4.66 -26.36 5.72
CA GLY A 196 4.26 -24.98 5.90
C GLY A 196 4.48 -24.55 7.32
N PHE A 197 4.45 -23.24 7.55
CA PHE A 197 4.58 -22.69 8.89
C PHE A 197 3.29 -22.91 9.66
N CYS A 198 3.42 -23.13 10.97
CA CYS A 198 2.25 -23.32 11.81
C CYS A 198 1.69 -21.98 12.24
N PRO A 199 0.37 -21.91 12.47
CA PRO A 199 -0.22 -20.66 12.95
C PRO A 199 0.13 -20.41 14.40
N ILE A 200 0.32 -19.15 14.76
CA ILE A 200 0.65 -18.77 16.14
C ILE A 200 -0.33 -17.73 16.63
N LYS A 201 -0.63 -17.78 17.93
CA LYS A 201 -1.43 -16.76 18.58
C LYS A 201 -0.49 -15.78 19.28
N SER A 202 -0.24 -14.65 18.62
CA SER A 202 0.75 -13.69 19.10
C SER A 202 0.10 -12.39 19.52
N ASN A 203 0.77 -11.68 20.43
CA ASN A 203 0.32 -10.36 20.87
C ASN A 203 0.89 -9.26 19.99
N ASP A 204 1.73 -9.65 19.03
CA ASP A 204 2.28 -8.72 18.07
C ASP A 204 1.89 -9.12 16.65
N CYS A 205 2.43 -8.40 15.67
CA CYS A 205 2.15 -8.63 14.26
C CYS A 205 3.46 -8.64 13.47
N GLU A 206 4.41 -9.43 13.94
CA GLU A 206 5.79 -9.29 13.47
C GLU A 206 6.09 -9.98 12.14
N THR A 207 6.34 -11.29 12.19
CA THR A 207 6.75 -12.05 11.02
C THR A 207 5.75 -12.12 9.86
N PHE A 208 4.51 -12.48 10.16
CA PHE A 208 3.57 -12.87 9.11
C PHE A 208 2.50 -11.83 8.76
N TRP A 209 2.69 -10.58 9.17
CA TRP A 209 1.64 -9.57 9.02
C TRP A 209 2.12 -8.21 8.49
N ASP A 210 1.31 -7.62 7.62
CA ASP A 210 1.46 -6.23 7.23
C ASP A 210 0.68 -5.37 8.22
N LYS A 211 1.34 -4.37 8.81
CA LYS A 211 0.70 -3.49 9.78
C LYS A 211 0.43 -2.09 9.22
N ASP A 212 -0.78 -1.60 9.48
CA ASP A 212 -1.15 -0.21 9.18
C ASP A 212 -0.71 0.65 10.36
N GLN A 213 0.22 1.56 10.09
CA GLN A 213 0.81 2.37 11.15
C GLN A 213 -0.17 3.39 11.72
N LEU A 214 -1.19 3.75 10.94
CA LEU A 214 -2.15 4.76 11.36
C LEU A 214 -3.20 4.21 12.31
N THR A 215 -3.51 2.93 12.17
CA THR A 215 -4.60 2.31 12.94
C THR A 215 -4.09 1.18 13.84
N ASP A 216 -2.85 0.79 13.64
CA ASP A 216 -2.24 -0.34 14.36
C ASP A 216 -3.09 -1.61 14.19
N SER A 217 -3.65 -1.77 12.99
CA SER A 217 -4.36 -2.99 12.62
C SER A 217 -3.45 -3.82 11.73
N CYS A 218 -3.46 -5.13 11.94
CA CYS A 218 -2.59 -6.03 11.18
C CYS A 218 -3.36 -6.87 10.17
N TYR A 219 -2.74 -7.07 9.02
CA TYR A 219 -3.36 -7.80 7.91
C TYR A 219 -2.43 -8.86 7.35
N GLN A 220 -3.01 -9.98 6.92
CA GLN A 220 -2.25 -11.09 6.40
C GLN A 220 -2.89 -11.58 5.11
N PHE A 221 -2.24 -11.31 3.98
CA PHE A 221 -2.71 -11.73 2.67
C PHE A 221 -2.10 -13.08 2.26
N ASN A 222 -2.86 -14.16 2.40
CA ASN A 222 -2.37 -15.48 2.01
C ASN A 222 -2.62 -15.77 0.53
N PHE A 223 -1.86 -15.12 -0.34
CA PHE A 223 -2.04 -15.23 -1.79
C PHE A 223 -1.88 -16.64 -2.31
N GLN A 224 -1.01 -17.41 -1.65
CA GLN A 224 -0.64 -18.74 -2.15
C GLN A 224 -1.52 -19.86 -1.59
N SER A 225 -2.36 -19.55 -0.61
CA SER A 225 -3.25 -20.54 -0.02
C SER A 225 -4.51 -20.75 -0.85
N THR A 226 -5.11 -21.92 -0.73
CA THR A 226 -6.39 -22.19 -1.37
C THR A 226 -7.29 -22.92 -0.38
N LEU A 227 -8.06 -22.14 0.38
CA LEU A 227 -8.91 -22.70 1.41
C LEU A 227 -10.36 -22.30 1.19
N SER A 228 -11.29 -23.09 1.71
CA SER A 228 -12.70 -22.71 1.72
C SER A 228 -12.92 -21.62 2.75
N TRP A 229 -14.07 -20.97 2.70
CA TRP A 229 -14.34 -19.84 3.58
C TRP A 229 -14.28 -20.27 5.03
N ARG A 230 -14.94 -21.38 5.33
CA ARG A 230 -14.92 -21.92 6.69
C ARG A 230 -13.51 -22.36 7.08
N GLU A 231 -12.77 -22.92 6.12
CA GLU A 231 -11.38 -23.28 6.39
C GLU A 231 -10.55 -22.04 6.66
N ALA A 232 -10.71 -21.02 5.82
CA ALA A 232 -10.02 -19.74 6.00
C ALA A 232 -10.38 -19.14 7.36
N TRP A 233 -11.66 -19.21 7.72
CA TRP A 233 -12.14 -18.70 9.00
C TRP A 233 -11.39 -19.36 10.15
N ALA A 234 -11.31 -20.69 10.11
CA ALA A 234 -10.60 -21.48 11.11
C ALA A 234 -9.11 -21.13 11.18
N SER A 235 -8.50 -20.93 10.01
CA SER A 235 -7.10 -20.50 9.94
C SER A 235 -6.86 -19.15 10.62
N CYS A 236 -7.72 -18.18 10.34
CA CYS A 236 -7.55 -16.87 10.97
C CYS A 236 -7.76 -17.00 12.48
N GLU A 237 -8.75 -17.80 12.86
CA GLU A 237 -9.11 -17.94 14.27
C GLU A 237 -8.00 -18.56 15.11
N GLN A 238 -7.31 -19.55 14.54
CA GLN A 238 -6.28 -20.25 15.29
C GLN A 238 -4.96 -19.47 15.27
N GLN A 239 -4.98 -18.30 14.63
CA GLN A 239 -3.90 -17.31 14.78
C GLN A 239 -4.31 -16.20 15.75
N GLY A 240 -5.45 -16.35 16.41
CA GLY A 240 -5.98 -15.31 17.29
C GLY A 240 -6.44 -14.10 16.50
N ALA A 241 -7.07 -14.36 15.36
CA ALA A 241 -7.52 -13.31 14.45
C ALA A 241 -8.89 -13.65 13.89
N ASP A 242 -9.29 -12.94 12.84
CA ASP A 242 -10.58 -13.20 12.17
C ASP A 242 -10.40 -12.81 10.71
N LEU A 243 -11.31 -13.25 9.85
CA LEU A 243 -11.24 -12.86 8.45
C LEU A 243 -11.39 -11.36 8.33
N LEU A 244 -10.85 -10.80 7.26
CA LEU A 244 -10.81 -9.36 7.06
C LEU A 244 -12.21 -8.75 7.09
N SER A 245 -12.37 -7.72 7.92
CA SER A 245 -13.54 -6.85 7.86
C SER A 245 -13.09 -5.46 7.38
N ILE A 246 -13.91 -4.86 6.52
CA ILE A 246 -13.62 -3.54 5.95
C ILE A 246 -14.69 -2.58 6.40
N THR A 247 -14.36 -1.79 7.42
CA THR A 247 -15.33 -1.01 8.16
C THR A 247 -15.28 0.49 7.84
N GLU A 248 -14.17 0.96 7.28
CA GLU A 248 -13.99 2.38 6.99
C GLU A 248 -13.64 2.56 5.51
N ILE A 249 -13.80 3.79 5.03
CA ILE A 249 -13.40 4.09 3.66
C ILE A 249 -11.88 4.02 3.55
N HIS A 250 -11.19 4.44 4.62
CA HIS A 250 -9.74 4.37 4.66
C HIS A 250 -9.24 2.92 4.62
N GLU A 251 -9.90 2.06 5.38
CA GLU A 251 -9.51 0.66 5.47
C GLU A 251 -9.56 0.02 4.08
N GLN A 252 -10.55 0.40 3.29
CA GLN A 252 -10.68 -0.11 1.92
C GLN A 252 -9.47 0.32 1.11
N THR A 253 -9.10 1.59 1.28
CA THR A 253 -8.01 2.19 0.51
C THR A 253 -6.68 1.56 0.88
N TYR A 254 -6.42 1.40 2.17
CA TYR A 254 -5.19 0.76 2.63
C TYR A 254 -5.11 -0.67 2.11
N ILE A 255 -6.25 -1.35 2.07
CA ILE A 255 -6.27 -2.74 1.61
C ILE A 255 -6.05 -2.81 0.10
N ASN A 256 -6.70 -1.92 -0.64
CA ASN A 256 -6.56 -1.93 -2.09
C ASN A 256 -5.13 -1.58 -2.45
N GLY A 257 -4.53 -0.76 -1.60
CA GLY A 257 -3.16 -0.35 -1.75
C GLY A 257 -2.25 -1.55 -1.88
N LEU A 258 -2.20 -2.34 -0.81
CA LEU A 258 -1.33 -3.52 -0.79
C LEU A 258 -1.63 -4.51 -1.91
N LEU A 259 -2.82 -4.41 -2.50
CA LEU A 259 -3.23 -5.34 -3.54
C LEU A 259 -2.88 -4.91 -4.96
N THR A 260 -2.50 -3.64 -5.15
CA THR A 260 -2.17 -3.15 -6.49
C THR A 260 -0.95 -3.90 -7.02
N GLY A 261 -1.04 -4.36 -8.27
CA GLY A 261 0.02 -5.18 -8.86
C GLY A 261 -0.33 -6.65 -8.86
N TYR A 262 -0.79 -7.14 -7.71
CA TYR A 262 -1.25 -8.52 -7.58
C TYR A 262 -2.52 -8.73 -8.42
N SER A 263 -2.77 -9.98 -8.75
CA SER A 263 -3.99 -10.37 -9.43
C SER A 263 -4.62 -11.51 -8.64
N SER A 264 -5.65 -11.21 -7.84
CA SER A 264 -6.15 -12.19 -6.89
C SER A 264 -7.62 -11.99 -6.52
N THR A 265 -8.22 -13.06 -6.00
CA THR A 265 -9.56 -13.05 -5.43
C THR A 265 -9.53 -13.73 -4.07
N LEU A 266 -9.75 -12.96 -3.01
CA LEU A 266 -9.52 -13.44 -1.65
C LEU A 266 -10.77 -13.40 -0.78
N TRP A 267 -10.98 -14.45 0.03
CA TRP A 267 -12.07 -14.46 1.00
C TRP A 267 -11.94 -13.31 1.98
N ILE A 268 -13.08 -12.74 2.36
CA ILE A 268 -13.14 -11.76 3.43
C ILE A 268 -14.23 -12.24 4.38
N GLY A 269 -14.37 -11.60 5.53
CA GLY A 269 -15.28 -12.06 6.57
C GLY A 269 -16.76 -11.91 6.29
N LEU A 270 -17.09 -11.37 5.13
CA LEU A 270 -18.46 -11.05 4.79
C LEU A 270 -19.27 -12.30 4.45
N ASN A 271 -20.48 -12.39 5.00
CA ASN A 271 -21.37 -13.52 4.71
C ASN A 271 -22.82 -13.28 5.14
N ASP A 272 -23.74 -14.03 4.54
CA ASP A 272 -25.14 -14.04 4.96
C ASP A 272 -25.58 -15.46 5.31
N LEU A 273 -24.73 -16.19 6.03
CA LEU A 273 -25.01 -17.58 6.38
C LEU A 273 -26.14 -17.70 7.41
N ASP A 274 -26.13 -16.84 8.42
CA ASP A 274 -27.22 -16.80 9.40
C ASP A 274 -28.55 -16.48 8.72
N THR A 275 -28.69 -15.23 8.27
CA THR A 275 -29.91 -14.78 7.60
C THR A 275 -29.61 -14.38 6.15
N SER A 276 -30.33 -14.99 5.21
CA SER A 276 -30.12 -14.71 3.80
C SER A 276 -30.36 -13.23 3.49
N GLY A 277 -29.40 -12.61 2.81
CA GLY A 277 -29.49 -11.19 2.49
C GLY A 277 -29.06 -10.33 3.66
N GLY A 278 -28.94 -10.93 4.85
CA GLY A 278 -28.48 -10.21 6.02
C GLY A 278 -26.97 -10.28 6.15
N TRP A 279 -26.27 -9.46 5.38
CA TRP A 279 -24.82 -9.55 5.32
C TRP A 279 -24.18 -9.08 6.62
N GLN A 280 -23.24 -9.89 7.11
CA GLN A 280 -22.53 -9.60 8.35
C GLN A 280 -21.03 -9.87 8.18
N TRP A 281 -20.23 -9.23 9.02
CA TRP A 281 -18.82 -9.53 9.12
C TRP A 281 -18.64 -10.63 10.15
N SER A 282 -17.77 -11.60 9.86
CA SER A 282 -17.56 -12.72 10.78
C SER A 282 -17.09 -12.20 12.16
N ASP A 283 -16.42 -11.06 12.19
CA ASP A 283 -15.92 -10.52 13.45
C ASP A 283 -16.97 -9.63 14.14
N ASN A 284 -18.20 -9.68 13.64
CA ASN A 284 -19.35 -8.96 14.19
C ASN A 284 -19.22 -7.43 14.11
N SER A 285 -18.39 -6.96 13.17
CA SER A 285 -18.31 -5.54 12.87
C SER A 285 -19.60 -5.08 12.23
N PRO A 286 -19.95 -3.79 12.41
CA PRO A 286 -21.14 -3.23 11.75
C PRO A 286 -20.95 -3.10 10.25
N LEU A 287 -22.02 -3.35 9.49
CA LEU A 287 -22.00 -3.17 8.05
C LEU A 287 -22.27 -1.70 7.71
N LYS A 288 -21.30 -0.84 8.00
CA LYS A 288 -21.43 0.60 7.77
C LYS A 288 -20.73 1.06 6.49
N TYR A 289 -19.78 0.26 6.01
CA TYR A 289 -19.13 0.57 4.73
C TYR A 289 -19.39 -0.56 3.74
N LEU A 290 -19.66 -0.17 2.49
CA LEU A 290 -19.96 -1.13 1.43
C LEU A 290 -19.23 -0.80 0.16
N ASN A 291 -18.74 -1.83 -0.54
CA ASN A 291 -18.10 -1.67 -1.83
C ASN A 291 -18.41 -2.84 -2.77
N TRP A 292 -19.65 -3.31 -2.74
CA TRP A 292 -20.11 -4.30 -3.70
C TRP A 292 -19.83 -3.80 -5.12
N GLU A 293 -19.39 -4.71 -5.99
CA GLU A 293 -19.35 -4.43 -7.42
C GLU A 293 -20.76 -4.17 -7.92
N SER A 294 -20.85 -3.61 -9.12
CA SER A 294 -22.12 -3.08 -9.66
C SER A 294 -23.24 -4.10 -9.68
N ASP A 295 -22.92 -5.34 -10.04
CA ASP A 295 -23.92 -6.38 -10.19
C ASP A 295 -24.05 -7.27 -8.96
N GLN A 296 -23.47 -6.85 -7.84
CA GLN A 296 -23.38 -7.71 -6.64
C GLN A 296 -24.15 -7.11 -5.46
N PRO A 297 -24.59 -7.98 -4.53
CA PRO A 297 -24.50 -9.44 -4.59
C PRO A 297 -25.61 -10.06 -5.41
N ASP A 298 -25.36 -11.24 -5.96
CA ASP A 298 -26.37 -11.96 -6.74
C ASP A 298 -26.39 -13.43 -6.30
N ASN A 299 -27.12 -14.25 -7.06
CA ASN A 299 -27.26 -15.68 -6.76
C ASN A 299 -27.46 -15.96 -5.27
N PRO A 300 -28.50 -15.37 -4.67
CA PRO A 300 -28.70 -15.48 -3.22
C PRO A 300 -28.87 -16.93 -2.77
N SER A 301 -29.17 -17.82 -3.72
CA SER A 301 -29.46 -19.21 -3.40
C SER A 301 -28.22 -20.08 -3.33
N GLU A 302 -27.06 -19.57 -3.76
CA GLU A 302 -25.85 -20.38 -3.82
C GLU A 302 -24.58 -19.68 -3.32
N GLU A 303 -24.57 -18.34 -3.37
CA GLU A 303 -23.39 -17.57 -3.01
C GLU A 303 -23.58 -16.77 -1.72
N ASN A 304 -22.94 -17.23 -0.64
CA ASN A 304 -23.16 -16.70 0.70
C ASN A 304 -21.94 -16.09 1.38
N CYS A 305 -20.81 -16.01 0.67
CA CYS A 305 -19.57 -15.52 1.26
C CYS A 305 -18.85 -14.49 0.38
N GLY A 306 -18.23 -13.52 1.05
CA GLY A 306 -17.64 -12.37 0.37
C GLY A 306 -16.19 -12.54 -0.05
N VAL A 307 -15.87 -11.97 -1.22
CA VAL A 307 -14.50 -11.91 -1.71
C VAL A 307 -14.14 -10.51 -2.17
N ILE A 308 -12.87 -10.15 -2.03
CA ILE A 308 -12.35 -8.91 -2.59
C ILE A 308 -11.57 -9.25 -3.85
N ARG A 309 -11.66 -8.39 -4.84
CA ARG A 309 -11.04 -8.65 -6.14
C ARG A 309 -10.14 -7.51 -6.59
N THR A 310 -9.02 -7.88 -7.20
CA THR A 310 -8.07 -6.90 -7.74
C THR A 310 -8.54 -6.37 -9.10
N GLU A 311 -9.28 -7.20 -9.82
CA GLU A 311 -9.76 -6.84 -11.16
C GLU A 311 -10.66 -5.62 -11.11
N SER A 312 -11.50 -5.55 -10.08
CA SER A 312 -12.41 -4.43 -9.90
C SER A 312 -11.78 -3.36 -9.03
N SER A 313 -10.45 -3.42 -8.90
CA SER A 313 -9.72 -2.50 -8.03
C SER A 313 -10.30 -2.52 -6.62
N GLY A 314 -10.59 -3.73 -6.13
CA GLY A 314 -11.01 -3.89 -4.75
C GLY A 314 -12.49 -3.99 -4.53
N GLY A 315 -13.24 -4.30 -5.59
CA GLY A 315 -14.67 -4.49 -5.46
C GLY A 315 -14.99 -5.81 -4.79
N TRP A 316 -16.20 -5.88 -4.24
CA TRP A 316 -16.65 -7.04 -3.50
C TRP A 316 -17.59 -7.88 -4.34
N GLN A 317 -17.40 -9.19 -4.25
CA GLN A 317 -18.29 -10.14 -4.88
C GLN A 317 -18.75 -11.12 -3.81
N ASN A 318 -19.87 -11.79 -4.06
CA ASN A 318 -20.29 -12.89 -3.20
C ASN A 318 -20.15 -14.18 -4.00
N ARG A 319 -19.65 -15.22 -3.34
CA ARG A 319 -19.35 -16.49 -3.99
C ARG A 319 -19.81 -17.71 -3.20
N ASP A 320 -19.68 -18.88 -3.83
CA ASP A 320 -19.90 -20.16 -3.18
C ASP A 320 -18.85 -20.34 -2.10
N CYS A 321 -19.31 -20.45 -0.85
CA CYS A 321 -18.42 -20.56 0.30
C CYS A 321 -17.53 -21.82 0.31
N SER A 322 -17.85 -22.81 -0.50
CA SER A 322 -17.10 -24.07 -0.47
C SER A 322 -15.94 -24.06 -1.46
N ILE A 323 -15.91 -23.04 -2.31
CA ILE A 323 -14.81 -22.86 -3.25
C ILE A 323 -13.50 -22.57 -2.50
N ALA A 324 -12.37 -22.98 -3.07
CA ALA A 324 -11.07 -22.81 -2.44
C ALA A 324 -10.35 -21.59 -2.99
N LEU A 325 -9.98 -20.67 -2.10
CA LEU A 325 -9.38 -19.41 -2.50
C LEU A 325 -8.33 -18.96 -1.50
N PRO A 326 -7.46 -18.04 -1.91
CA PRO A 326 -6.62 -17.32 -0.93
C PRO A 326 -7.50 -16.47 -0.02
N TYR A 327 -6.95 -15.90 1.03
CA TYR A 327 -7.76 -15.16 1.99
C TYR A 327 -6.96 -14.17 2.79
N VAL A 328 -7.68 -13.26 3.44
CA VAL A 328 -7.09 -12.19 4.22
C VAL A 328 -7.55 -12.29 5.66
N CYS A 329 -6.59 -12.32 6.58
CA CYS A 329 -6.88 -12.33 8.00
C CYS A 329 -6.63 -10.95 8.56
N LYS A 330 -7.19 -10.70 9.73
CA LYS A 330 -7.07 -9.40 10.38
C LYS A 330 -7.07 -9.53 11.89
N LYS A 331 -6.22 -8.75 12.55
CA LYS A 331 -6.19 -8.74 14.00
C LYS A 331 -5.73 -7.36 14.46
N LYS A 332 -6.03 -7.05 15.72
CA LYS A 332 -5.67 -5.76 16.30
C LYS A 332 -5.02 -6.01 17.66
N PRO A 333 -3.68 -6.07 17.70
CA PRO A 333 -2.98 -6.48 18.93
C PRO A 333 -3.23 -5.54 20.11
N LYS A 349 -30.58 5.12 34.26
CA LYS A 349 -31.63 5.48 35.20
C LYS A 349 -31.80 7.01 35.26
N VAL A 350 -32.53 7.56 34.30
CA VAL A 350 -32.69 9.00 34.15
C VAL A 350 -34.14 9.48 34.08
N GLU A 351 -34.32 10.79 34.22
CA GLU A 351 -35.62 11.43 34.07
C GLU A 351 -35.63 12.27 32.80
N CYS A 352 -36.78 12.37 32.14
CA CYS A 352 -36.89 13.08 30.87
C CYS A 352 -37.90 14.22 30.94
N GLU A 353 -37.81 15.13 29.98
CA GLU A 353 -38.80 16.19 29.82
C GLU A 353 -40.15 15.59 29.44
N PRO A 354 -41.23 16.36 29.58
CA PRO A 354 -42.55 15.81 29.23
C PRO A 354 -42.63 15.50 27.75
N SER A 355 -43.27 14.38 27.39
CA SER A 355 -43.43 13.93 26.01
C SER A 355 -42.22 13.13 25.51
N TRP A 356 -41.23 12.92 26.37
CA TRP A 356 -40.08 12.08 26.06
C TRP A 356 -40.11 10.86 26.98
N GLN A 357 -39.59 9.74 26.49
CA GLN A 357 -39.52 8.50 27.30
C GLN A 357 -38.07 8.07 27.54
N PRO A 358 -37.79 7.59 28.76
CA PRO A 358 -36.41 7.22 29.09
C PRO A 358 -36.09 5.76 28.75
N PHE A 359 -34.87 5.52 28.30
CA PHE A 359 -34.33 4.17 28.21
C PHE A 359 -32.83 4.23 28.40
N GLN A 360 -32.34 3.43 29.33
CA GLN A 360 -30.95 3.47 29.76
C GLN A 360 -30.59 4.90 30.19
N GLY A 361 -29.79 5.61 29.39
CA GLY A 361 -29.32 6.93 29.79
C GLY A 361 -29.78 8.05 28.88
N HIS A 362 -30.82 7.78 28.08
CA HIS A 362 -31.26 8.73 27.09
C HIS A 362 -32.77 8.87 27.04
N CYS A 363 -33.22 9.94 26.39
CA CYS A 363 -34.63 10.20 26.21
C CYS A 363 -35.00 10.08 24.74
N TYR A 364 -36.15 9.48 24.47
CA TYR A 364 -36.58 9.20 23.11
C TYR A 364 -38.00 9.75 22.86
N ARG A 365 -38.23 10.24 21.66
CA ARG A 365 -39.52 10.83 21.28
C ARG A 365 -39.85 10.61 19.81
N LEU A 366 -41.12 10.32 19.55
CA LEU A 366 -41.62 10.20 18.19
C LEU A 366 -42.04 11.58 17.66
N GLN A 367 -41.60 11.90 16.45
CA GLN A 367 -42.10 13.03 15.69
C GLN A 367 -43.00 12.48 14.61
N ALA A 368 -44.31 12.57 14.83
CA ALA A 368 -45.30 11.91 13.98
C ALA A 368 -45.48 12.63 12.65
N GLU A 369 -45.15 13.91 12.62
CA GLU A 369 -45.27 14.69 11.40
C GLU A 369 -44.29 14.17 10.37
N LYS A 370 -44.78 13.96 9.15
CA LYS A 370 -43.93 13.50 8.05
C LYS A 370 -43.07 14.65 7.51
N ARG A 371 -41.75 14.45 7.50
CA ARG A 371 -40.81 15.42 6.94
C ARG A 371 -39.74 14.66 6.18
N SER A 372 -38.86 15.38 5.48
CA SER A 372 -37.68 14.78 4.87
C SER A 372 -36.67 14.43 5.95
N TRP A 373 -35.63 13.68 5.60
CA TRP A 373 -34.59 13.33 6.57
C TRP A 373 -33.93 14.58 7.16
N GLN A 374 -33.51 15.51 6.29
CA GLN A 374 -32.83 16.72 6.75
C GLN A 374 -33.75 17.57 7.61
N GLU A 375 -35.00 17.75 7.18
CA GLU A 375 -35.97 18.53 7.95
C GLU A 375 -36.35 17.81 9.25
N SER A 376 -36.34 16.49 9.25
CA SER A 376 -36.63 15.73 10.47
C SER A 376 -35.52 16.03 11.49
N LYS A 377 -34.29 16.04 11.00
CA LYS A 377 -33.12 16.33 11.84
C LYS A 377 -33.18 17.75 12.39
N LYS A 378 -33.50 18.73 11.53
CA LYS A 378 -33.58 20.12 11.97
C LYS A 378 -34.60 20.27 13.09
N ALA A 379 -35.71 19.54 12.99
CA ALA A 379 -36.74 19.56 14.02
C ALA A 379 -36.24 18.95 15.33
N CYS A 380 -35.43 17.90 15.24
CA CYS A 380 -34.87 17.27 16.44
C CYS A 380 -33.93 18.23 17.16
N LEU A 381 -33.13 18.96 16.38
CA LEU A 381 -32.15 19.90 16.93
C LEU A 381 -32.84 21.03 17.69
N ARG A 382 -33.91 21.56 17.10
CA ARG A 382 -34.69 22.62 17.74
C ARG A 382 -35.29 22.13 19.05
N GLY A 383 -35.48 20.81 19.15
CA GLY A 383 -35.96 20.20 20.38
C GLY A 383 -34.83 19.87 21.34
N GLY A 384 -33.61 20.25 20.96
CA GLY A 384 -32.44 20.06 21.82
C GLY A 384 -31.84 18.67 21.71
N GLY A 385 -32.19 17.95 20.64
CA GLY A 385 -31.69 16.60 20.44
C GLY A 385 -31.16 16.37 19.04
N ASP A 386 -31.29 15.13 18.56
CA ASP A 386 -30.82 14.77 17.24
C ASP A 386 -31.59 13.53 16.81
N LEU A 387 -31.50 13.18 15.53
CA LEU A 387 -32.10 11.94 15.05
C LEU A 387 -31.49 10.77 15.83
N VAL A 388 -32.34 9.79 16.18
CA VAL A 388 -31.93 8.71 17.06
C VAL A 388 -30.73 7.95 16.50
N SER A 389 -29.80 7.63 17.38
CA SER A 389 -28.70 6.73 17.07
C SER A 389 -28.91 5.47 17.89
N ILE A 390 -28.55 4.33 17.31
CA ILE A 390 -28.88 3.03 17.89
C ILE A 390 -27.63 2.15 17.93
N HIS A 391 -27.25 1.76 19.15
CA HIS A 391 -25.95 1.13 19.38
C HIS A 391 -26.02 -0.27 19.98
N SER A 392 -27.23 -0.76 20.23
CA SER A 392 -27.39 -2.11 20.76
C SER A 392 -28.76 -2.64 20.42
N MET A 393 -28.89 -3.96 20.49
CA MET A 393 -30.15 -4.61 20.16
C MET A 393 -31.24 -4.27 21.18
N ALA A 394 -30.86 -4.02 22.43
CA ALA A 394 -31.85 -3.69 23.44
C ALA A 394 -32.41 -2.30 23.19
N GLU A 395 -31.55 -1.37 22.77
CA GLU A 395 -31.99 -0.03 22.44
C GLU A 395 -32.94 -0.09 21.26
N LEU A 396 -32.61 -0.91 20.26
CA LEU A 396 -33.44 -1.07 19.09
C LEU A 396 -34.83 -1.61 19.45
N GLU A 397 -34.87 -2.58 20.36
CA GLU A 397 -36.13 -3.17 20.78
C GLU A 397 -36.99 -2.14 21.48
N PHE A 398 -36.37 -1.32 22.32
CA PHE A 398 -37.10 -0.26 23.01
C PHE A 398 -37.70 0.73 22.01
N ILE A 399 -36.88 1.18 21.06
CA ILE A 399 -37.30 2.14 20.06
C ILE A 399 -38.45 1.59 19.22
N THR A 400 -38.37 0.31 18.89
CA THR A 400 -39.34 -0.31 18.00
C THR A 400 -40.66 -0.62 18.70
N LYS A 401 -40.58 -1.13 19.92
CA LYS A 401 -41.76 -1.52 20.66
C LYS A 401 -42.41 -0.34 21.37
N GLN A 402 -41.60 0.58 21.88
CA GLN A 402 -42.12 1.67 22.71
C GLN A 402 -42.35 2.96 21.95
N ILE A 403 -41.44 3.32 21.05
CA ILE A 403 -41.52 4.62 20.40
C ILE A 403 -42.16 4.55 19.01
N LYS A 404 -41.67 3.67 18.16
CA LYS A 404 -42.21 3.50 16.81
C LYS A 404 -43.64 2.93 16.87
N GLN A 405 -43.77 1.83 17.57
CA GLN A 405 -45.04 1.11 17.70
C GLN A 405 -45.60 0.81 16.31
N GLU A 406 -46.78 1.33 15.99
CA GLU A 406 -47.45 0.93 14.75
C GLU A 406 -47.18 1.87 13.58
N VAL A 407 -46.40 2.93 13.81
CA VAL A 407 -45.90 3.73 12.70
C VAL A 407 -45.09 2.79 11.80
N GLU A 408 -45.38 2.80 10.50
CA GLU A 408 -44.81 1.80 9.60
C GLU A 408 -43.32 2.00 9.35
N GLU A 409 -42.95 3.21 8.95
CA GLU A 409 -41.55 3.52 8.60
C GLU A 409 -41.19 4.95 9.00
N LEU A 410 -40.00 5.12 9.55
CA LEU A 410 -39.57 6.45 10.01
C LEU A 410 -38.04 6.62 10.00
N TRP A 411 -37.59 7.87 9.99
CA TRP A 411 -36.17 8.22 9.88
C TRP A 411 -35.40 7.98 11.17
N ILE A 412 -34.16 7.52 11.02
CA ILE A 412 -33.19 7.53 12.12
C ILE A 412 -31.93 8.28 11.65
N GLY A 413 -30.93 8.39 12.52
CA GLY A 413 -29.79 9.26 12.27
C GLY A 413 -28.77 8.81 11.24
N LEU A 414 -28.85 7.56 10.80
CA LEU A 414 -27.80 6.98 9.95
C LEU A 414 -27.91 7.52 8.53
N ASN A 415 -26.77 7.84 7.93
CA ASN A 415 -26.74 8.46 6.61
C ASN A 415 -25.33 8.45 6.02
N ASP A 416 -25.22 8.63 4.70
CA ASP A 416 -23.93 8.76 4.03
C ASP A 416 -23.82 10.03 3.17
N LEU A 417 -24.38 11.14 3.65
CA LEU A 417 -24.34 12.41 2.92
C LEU A 417 -22.91 12.89 2.68
N LYS A 418 -22.10 12.85 3.74
CA LYS A 418 -20.70 13.28 3.68
C LYS A 418 -19.94 12.48 2.60
N LEU A 419 -19.73 11.19 2.85
CA LEU A 419 -19.09 10.30 1.88
C LEU A 419 -20.02 9.14 1.58
N GLN A 420 -20.30 8.90 0.30
CA GLN A 420 -21.27 7.88 -0.05
C GLN A 420 -20.68 6.49 0.20
N MET A 421 -21.57 5.51 0.42
CA MET A 421 -21.22 4.14 0.72
C MET A 421 -20.56 4.00 2.10
N ASN A 422 -20.48 5.10 2.85
CA ASN A 422 -19.90 5.09 4.19
C ASN A 422 -20.85 5.73 5.20
N PHE A 423 -21.57 4.90 5.95
CA PHE A 423 -22.65 5.38 6.80
C PHE A 423 -22.17 5.86 8.17
N GLU A 424 -22.76 6.95 8.63
CA GLU A 424 -22.43 7.56 9.92
C GLU A 424 -23.70 8.06 10.59
N TRP A 425 -23.68 8.18 11.92
CA TRP A 425 -24.80 8.79 12.64
C TRP A 425 -24.73 10.32 12.58
N SER A 426 -25.87 10.95 12.42
CA SER A 426 -25.95 12.42 12.34
C SER A 426 -25.43 13.08 13.63
N ASP A 427 -25.62 12.41 14.76
CA ASP A 427 -25.20 12.95 16.05
C ASP A 427 -23.71 12.72 16.32
N GLY A 428 -22.99 12.24 15.29
CA GLY A 428 -21.56 12.08 15.39
C GLY A 428 -21.09 10.89 16.20
N SER A 429 -22.06 10.14 16.75
CA SER A 429 -21.77 8.95 17.55
C SER A 429 -21.06 7.87 16.74
N LEU A 430 -20.37 6.97 17.42
CA LEU A 430 -19.68 5.86 16.74
C LEU A 430 -20.70 4.85 16.23
N VAL A 431 -20.51 4.42 14.98
CA VAL A 431 -21.34 3.36 14.41
C VAL A 431 -20.79 2.00 14.81
N SER A 432 -21.39 1.41 15.84
CA SER A 432 -20.98 0.12 16.37
C SER A 432 -21.97 -0.99 16.03
N PHE A 433 -23.14 -0.61 15.53
CA PHE A 433 -24.27 -1.53 15.41
C PHE A 433 -25.07 -1.19 14.16
N THR A 434 -25.34 -2.20 13.33
CA THR A 434 -26.30 -2.03 12.23
C THR A 434 -27.30 -3.17 12.26
N HIS A 435 -28.49 -2.93 11.72
CA HIS A 435 -29.55 -3.94 11.70
C HIS A 435 -30.34 -3.84 10.41
N TRP A 436 -29.63 -4.02 9.30
CA TRP A 436 -30.21 -3.85 7.98
C TRP A 436 -31.23 -4.93 7.67
N HIS A 437 -32.27 -4.56 6.92
CA HIS A 437 -33.14 -5.55 6.31
C HIS A 437 -32.34 -6.33 5.29
N PRO A 438 -32.80 -7.55 4.96
CA PRO A 438 -32.13 -8.34 3.92
C PRO A 438 -31.99 -7.54 2.62
N PHE A 439 -30.79 -7.61 2.02
CA PHE A 439 -30.50 -6.91 0.77
C PHE A 439 -30.55 -5.39 0.89
N GLU A 440 -30.44 -4.90 2.11
CA GLU A 440 -30.20 -3.48 2.34
C GLU A 440 -28.80 -3.36 2.93
N PRO A 441 -28.16 -2.19 2.76
CA PRO A 441 -28.64 -1.03 2.01
C PRO A 441 -28.45 -1.23 0.52
N ASN A 442 -29.06 -0.39 -0.31
CA ASN A 442 -28.96 -0.55 -1.75
C ASN A 442 -29.32 0.72 -2.52
N ASN A 443 -29.35 1.85 -1.83
CA ASN A 443 -29.79 3.09 -2.48
C ASN A 443 -28.62 3.83 -3.11
N PHE A 444 -27.41 3.53 -2.63
CA PHE A 444 -26.19 4.05 -3.29
C PHE A 444 -26.09 3.49 -4.71
N ARG A 445 -26.86 2.43 -4.98
CA ARG A 445 -26.94 1.83 -6.31
C ARG A 445 -27.75 2.68 -7.28
N ASP A 446 -28.32 3.77 -6.78
CA ASP A 446 -29.07 4.72 -7.59
C ASP A 446 -28.69 6.14 -7.22
N SER A 447 -29.29 6.64 -6.14
CA SER A 447 -29.07 8.01 -5.70
C SER A 447 -27.62 8.19 -5.26
N LEU A 448 -27.27 9.44 -4.97
CA LEU A 448 -25.95 9.80 -4.52
C LEU A 448 -25.98 10.14 -3.02
N GLU A 449 -27.20 10.23 -2.48
CA GLU A 449 -27.41 10.52 -1.06
C GLU A 449 -28.40 9.53 -0.45
N ASP A 450 -27.92 8.75 0.53
CA ASP A 450 -28.73 7.73 1.18
C ASP A 450 -28.95 8.05 2.66
N CYS A 451 -30.19 7.96 3.09
CA CYS A 451 -30.52 8.12 4.50
C CYS A 451 -31.24 6.87 4.93
N VAL A 452 -31.35 6.66 6.24
CA VAL A 452 -31.80 5.37 6.76
C VAL A 452 -33.08 5.50 7.58
N THR A 453 -33.93 4.49 7.44
CA THR A 453 -35.21 4.39 8.15
C THR A 453 -35.27 3.10 8.97
N ILE A 454 -36.18 3.06 9.95
CA ILE A 454 -36.62 1.80 10.54
C ILE A 454 -37.91 1.38 9.87
N TRP A 455 -37.98 0.13 9.45
CA TRP A 455 -39.04 -0.35 8.57
C TRP A 455 -39.66 -1.62 9.15
N GLY A 456 -40.97 -1.60 9.36
CA GLY A 456 -41.71 -2.76 9.84
C GLY A 456 -41.56 -3.09 11.32
N PRO A 457 -42.20 -4.19 11.76
CA PRO A 457 -42.28 -4.61 13.17
C PRO A 457 -41.00 -5.22 13.77
N GLU A 458 -40.08 -5.70 12.94
CA GLU A 458 -38.83 -6.28 13.45
C GLU A 458 -37.83 -5.19 13.84
N GLY A 459 -38.02 -4.00 13.28
CA GLY A 459 -37.15 -2.88 13.60
C GLY A 459 -35.89 -2.86 12.74
N ARG A 460 -35.89 -3.61 11.63
CA ARG A 460 -34.77 -3.63 10.72
C ARG A 460 -34.77 -2.39 9.83
N TRP A 461 -33.61 -2.11 9.22
CA TRP A 461 -33.37 -0.81 8.58
C TRP A 461 -33.33 -0.88 7.06
N ASN A 462 -33.86 0.15 6.43
CA ASN A 462 -33.68 0.39 5.00
C ASN A 462 -32.80 1.61 4.79
N ASP A 463 -32.29 1.77 3.58
CA ASP A 463 -31.76 3.07 3.17
C ASP A 463 -32.66 3.55 2.05
N SER A 464 -32.74 4.86 1.89
CA SER A 464 -33.66 5.46 0.94
C SER A 464 -33.20 6.86 0.56
N PRO A 465 -33.73 7.38 -0.56
CA PRO A 465 -33.48 8.81 -0.83
C PRO A 465 -34.01 9.66 0.30
N CYS A 466 -33.22 10.65 0.71
CA CYS A 466 -33.61 11.54 1.79
C CYS A 466 -34.80 12.42 1.40
N ASN A 467 -35.13 12.37 0.11
CA ASN A 467 -36.28 13.03 -0.48
C ASN A 467 -37.60 12.65 0.21
N GLN A 468 -37.66 11.42 0.70
CA GLN A 468 -38.90 10.80 1.18
C GLN A 468 -39.48 11.44 2.44
N SER A 469 -40.81 11.48 2.54
CA SER A 469 -41.48 12.20 3.61
C SER A 469 -42.05 11.26 4.68
N LEU A 470 -41.43 11.29 5.86
CA LEU A 470 -41.72 10.33 6.89
C LEU A 470 -41.68 10.94 8.29
N PRO A 471 -42.35 10.28 9.25
CA PRO A 471 -42.13 10.65 10.65
C PRO A 471 -40.72 10.26 11.06
N SER A 472 -40.32 10.60 12.28
CA SER A 472 -38.95 10.35 12.72
C SER A 472 -38.88 10.18 14.23
N ILE A 473 -37.73 9.73 14.73
CA ILE A 473 -37.53 9.58 16.16
C ILE A 473 -36.30 10.37 16.58
N CYS A 474 -36.43 11.04 17.73
CA CYS A 474 -35.39 11.92 18.26
C CYS A 474 -34.78 11.34 19.52
N LYS A 475 -33.54 11.72 19.76
CA LYS A 475 -32.80 11.23 20.91
C LYS A 475 -31.99 12.37 21.52
N LYS A 476 -32.00 12.44 22.84
CA LYS A 476 -31.19 13.42 23.58
C LYS A 476 -30.80 12.79 24.90
N ALA A 477 -29.82 13.38 25.58
CA ALA A 477 -29.35 12.84 26.85
C ALA A 477 -30.39 13.13 27.92
N GLY A 478 -30.46 12.27 28.93
CA GLY A 478 -31.41 12.44 30.01
C GLY A 478 -30.71 12.94 31.26
N GLN A 479 -31.49 13.34 32.25
CA GLN A 479 -30.95 13.84 33.51
C GLN A 479 -31.07 12.83 34.64
N LEU A 480 -29.95 12.49 35.26
CA LEU A 480 -29.92 11.64 36.44
C LEU A 480 -29.96 12.53 37.69
N SER A 481 -30.69 12.18 38.77
CA SER A 481 -31.56 11.01 38.91
C SER A 481 -30.90 9.69 38.53
N GLU B 10 6.04 35.28 -2.72
CA GLU B 10 6.86 35.71 -1.59
C GLU B 10 8.35 35.78 -1.96
N PRO B 11 8.89 34.71 -2.60
CA PRO B 11 10.33 34.68 -2.86
C PRO B 11 10.73 35.28 -4.21
N ASN B 12 9.79 35.40 -5.13
CA ASN B 12 10.09 35.93 -6.46
C ASN B 12 9.93 37.44 -6.49
N VAL B 13 9.36 37.99 -5.43
CA VAL B 13 9.12 39.43 -5.35
C VAL B 13 10.44 40.10 -4.96
N PHE B 14 10.65 41.32 -5.44
CA PHE B 14 11.89 42.03 -5.16
C PHE B 14 11.74 43.53 -5.36
N LEU B 15 12.61 44.30 -4.71
CA LEU B 15 12.69 45.75 -4.91
C LEU B 15 13.75 46.09 -5.95
N ILE B 16 13.56 47.21 -6.64
CA ILE B 16 14.46 47.62 -7.71
C ILE B 16 15.21 48.89 -7.31
N PHE B 17 16.51 48.75 -7.07
CA PHE B 17 17.35 49.83 -6.57
C PHE B 17 18.22 50.45 -7.65
N SER B 18 18.33 51.77 -7.62
CA SER B 18 19.23 52.53 -8.51
C SER B 18 20.41 53.13 -7.76
N HIS B 19 21.62 52.74 -8.14
CA HIS B 19 22.80 53.34 -7.55
C HIS B 19 22.97 54.76 -8.08
N GLY B 20 22.50 54.99 -9.30
CA GLY B 20 22.63 56.30 -9.92
C GLY B 20 21.73 57.35 -9.30
N LEU B 21 20.60 56.91 -8.74
CA LEU B 21 19.63 57.82 -8.13
C LEU B 21 19.53 57.58 -6.62
N GLN B 22 20.07 56.46 -6.16
CA GLN B 22 20.12 56.15 -4.74
C GLN B 22 18.71 56.04 -4.13
N GLY B 23 17.91 55.13 -4.68
CA GLY B 23 16.55 54.92 -4.23
C GLY B 23 15.90 53.75 -4.94
N CYS B 24 14.71 53.36 -4.48
CA CYS B 24 13.99 52.23 -5.05
C CYS B 24 12.85 52.69 -5.96
N LEU B 25 12.54 51.87 -6.96
CA LEU B 25 11.47 52.17 -7.92
C LEU B 25 10.11 51.97 -7.27
N GLU B 26 9.25 52.98 -7.40
CA GLU B 26 7.97 53.00 -6.70
C GLU B 26 6.80 53.29 -7.63
N ALA B 27 5.65 52.71 -7.32
CA ALA B 27 4.42 53.01 -8.06
C ALA B 27 3.38 53.54 -7.08
N GLN B 28 3.26 54.87 -7.08
CA GLN B 28 2.34 55.63 -6.23
C GLN B 28 1.52 56.60 -7.04
N GLY B 29 0.27 56.76 -6.63
CA GLY B 29 -0.65 57.64 -7.30
C GLY B 29 -0.95 57.15 -8.70
N GLY B 30 -0.42 57.85 -9.70
CA GLY B 30 -0.57 57.42 -11.08
C GLY B 30 0.75 57.48 -11.83
N GLN B 31 1.84 57.59 -11.07
CA GLN B 31 3.17 57.71 -11.65
C GLN B 31 4.16 56.67 -11.15
N VAL B 32 5.32 56.65 -11.80
CA VAL B 32 6.41 55.75 -11.44
C VAL B 32 7.60 56.63 -11.15
N ARG B 33 8.15 56.47 -9.95
CA ARG B 33 9.24 57.31 -9.48
C ARG B 33 10.26 56.51 -8.68
N VAL B 34 11.37 57.16 -8.35
CA VAL B 34 12.33 56.60 -7.41
C VAL B 34 12.29 57.44 -6.14
N THR B 35 12.10 56.77 -5.00
CA THR B 35 12.14 57.42 -3.70
C THR B 35 13.33 56.88 -2.92
N PRO B 36 14.05 57.76 -2.21
CA PRO B 36 15.17 57.29 -1.38
C PRO B 36 14.70 56.45 -0.19
N ALA B 37 13.42 56.52 0.13
CA ALA B 37 12.87 55.80 1.28
C ALA B 37 12.52 54.36 0.94
N CYS B 38 13.54 53.55 0.68
CA CYS B 38 13.33 52.14 0.38
C CYS B 38 12.73 51.40 1.57
N ASN B 39 11.65 50.67 1.31
CA ASN B 39 10.92 49.92 2.35
C ASN B 39 10.37 48.63 1.75
N THR B 40 10.88 47.50 2.22
CA THR B 40 10.52 46.20 1.62
C THR B 40 9.10 45.77 1.95
N SER B 41 8.41 46.54 2.79
CA SER B 41 7.06 46.20 3.19
C SER B 41 6.01 46.83 2.28
N LEU B 42 6.35 47.95 1.69
CA LEU B 42 5.41 48.69 0.85
C LEU B 42 5.22 48.01 -0.52
N PRO B 43 4.01 47.48 -0.79
CA PRO B 43 3.79 46.86 -2.09
C PRO B 43 4.00 47.79 -3.28
N ALA B 44 4.02 49.09 -3.04
CA ALA B 44 4.27 50.06 -4.10
C ALA B 44 5.68 49.92 -4.66
N GLN B 45 6.57 49.32 -3.87
CA GLN B 45 7.97 49.10 -4.28
C GLN B 45 8.26 47.63 -4.58
N ARG B 46 7.25 46.78 -4.43
CA ARG B 46 7.41 45.34 -4.62
C ARG B 46 7.11 44.95 -6.07
N TRP B 47 8.11 44.37 -6.73
CA TRP B 47 7.99 44.00 -8.15
C TRP B 47 8.22 42.50 -8.36
N LYS B 48 7.77 42.01 -9.52
CA LYS B 48 7.78 40.59 -9.82
C LYS B 48 7.68 40.34 -11.31
N TRP B 49 8.55 39.50 -11.85
CA TRP B 49 8.45 39.10 -13.25
C TRP B 49 7.27 38.17 -13.44
N VAL B 50 6.52 38.38 -14.52
CA VAL B 50 5.38 37.54 -14.83
C VAL B 50 5.40 37.16 -16.31
N SER B 51 4.41 36.40 -16.75
CA SER B 51 4.43 35.81 -18.09
C SER B 51 4.45 36.85 -19.19
N ARG B 52 4.94 36.43 -20.35
CA ARG B 52 5.06 37.30 -21.52
C ARG B 52 5.89 38.54 -21.21
N ASN B 53 6.94 38.36 -20.41
CA ASN B 53 7.97 39.37 -20.24
C ASN B 53 7.46 40.70 -19.72
N ARG B 54 6.52 40.62 -18.79
CA ARG B 54 5.96 41.80 -18.14
C ARG B 54 6.47 41.90 -16.70
N LEU B 55 6.48 43.12 -16.18
CA LEU B 55 6.93 43.42 -14.84
C LEU B 55 5.75 43.93 -14.02
N PHE B 56 5.42 43.19 -12.96
CA PHE B 56 4.19 43.39 -12.21
C PHE B 56 4.45 44.13 -10.90
N ASN B 57 3.64 45.13 -10.59
CA ASN B 57 3.73 45.86 -9.32
C ASN B 57 2.59 45.48 -8.38
N LEU B 58 2.91 45.18 -7.12
CA LEU B 58 1.91 44.72 -6.16
C LEU B 58 1.13 45.85 -5.51
N GLY B 59 1.69 47.06 -5.53
CA GLY B 59 1.00 48.21 -4.97
C GLY B 59 -0.19 48.56 -5.85
N THR B 60 0.05 48.61 -7.16
CA THR B 60 -0.98 48.98 -8.13
C THR B 60 -1.67 47.77 -8.75
N MET B 61 -1.12 46.58 -8.51
CA MET B 61 -1.64 45.35 -9.13
C MET B 61 -1.67 45.48 -10.66
N GLN B 62 -0.69 46.18 -11.20
CA GLN B 62 -0.63 46.49 -12.63
C GLN B 62 0.75 46.19 -13.21
N CYS B 63 0.91 46.46 -14.51
CA CYS B 63 2.16 46.17 -15.23
C CYS B 63 2.86 47.44 -15.70
N LEU B 64 4.17 47.49 -15.55
CA LEU B 64 4.97 48.61 -16.04
C LEU B 64 4.88 48.68 -17.56
N GLY B 65 4.64 49.88 -18.09
CA GLY B 65 4.46 50.07 -19.52
C GLY B 65 5.00 51.38 -20.07
N THR B 66 5.15 51.39 -21.39
CA THR B 66 5.55 52.59 -22.13
C THR B 66 4.82 52.57 -23.46
N GLY B 67 4.94 53.65 -24.23
CA GLY B 67 4.21 53.76 -25.48
C GLY B 67 4.90 53.07 -26.64
N TRP B 68 4.11 52.61 -27.60
CA TRP B 68 4.65 52.14 -28.86
C TRP B 68 5.17 53.39 -29.56
N PRO B 69 6.12 53.23 -30.50
CA PRO B 69 6.76 54.40 -31.15
C PRO B 69 5.79 55.44 -31.74
N GLY B 70 4.57 55.06 -32.07
CA GLY B 70 3.60 55.98 -32.61
C GLY B 70 2.99 56.86 -31.53
N ALA B 75 7.09 57.68 -24.88
CA ALA B 75 8.33 58.24 -24.34
C ALA B 75 8.22 58.45 -22.82
N SER B 76 7.48 57.58 -22.16
CA SER B 76 7.25 57.71 -20.72
C SER B 76 7.03 56.38 -20.03
N LEU B 77 7.17 56.38 -18.70
CA LEU B 77 6.84 55.22 -17.88
C LEU B 77 5.48 55.41 -17.26
N GLY B 78 4.75 54.31 -17.11
CA GLY B 78 3.46 54.33 -16.46
C GLY B 78 3.02 52.94 -16.06
N MET B 79 1.99 52.89 -15.23
CA MET B 79 1.39 51.61 -14.82
C MET B 79 0.08 51.39 -15.58
N TYR B 80 -0.14 50.16 -16.04
CA TYR B 80 -1.31 49.84 -16.86
C TYR B 80 -1.87 48.46 -16.56
N GLU B 81 -3.16 48.29 -16.84
CA GLU B 81 -3.81 47.00 -16.74
C GLU B 81 -3.07 45.99 -17.60
N CYS B 82 -2.80 44.82 -17.03
CA CYS B 82 -1.85 43.88 -17.62
C CYS B 82 -2.33 43.25 -18.94
N ASP B 83 -3.60 43.43 -19.27
CA ASP B 83 -4.15 42.92 -20.53
C ASP B 83 -4.24 44.00 -21.60
N ARG B 84 -3.71 45.17 -21.30
CA ARG B 84 -3.67 46.27 -22.27
C ARG B 84 -2.69 45.96 -23.40
N GLU B 85 -3.18 46.05 -24.64
CA GLU B 85 -2.37 45.76 -25.81
C GLU B 85 -2.00 47.03 -26.54
N ALA B 86 -2.64 48.12 -26.17
CA ALA B 86 -2.39 49.42 -26.80
C ALA B 86 -1.06 50.00 -26.37
N LEU B 87 -0.42 49.37 -25.38
CA LEU B 87 0.87 49.82 -24.89
C LEU B 87 1.88 48.70 -24.81
N ASN B 88 3.16 49.08 -24.87
CA ASN B 88 4.23 48.11 -24.72
C ASN B 88 4.50 47.82 -23.25
N LEU B 89 4.15 46.61 -22.83
CA LEU B 89 4.37 46.16 -21.46
C LEU B 89 5.55 45.19 -21.37
N ARG B 90 6.27 44.99 -22.47
CA ARG B 90 7.33 43.99 -22.50
C ARG B 90 8.68 44.60 -22.16
N TRP B 91 9.37 43.95 -21.22
CA TRP B 91 10.70 44.36 -20.80
C TRP B 91 11.59 43.12 -20.71
N HIS B 92 12.89 43.32 -20.83
CA HIS B 92 13.85 42.24 -20.65
C HIS B 92 14.77 42.60 -19.49
N CYS B 93 15.03 41.62 -18.61
CA CYS B 93 15.76 41.88 -17.39
C CYS B 93 17.17 42.40 -17.67
N ARG B 94 17.68 42.15 -18.87
CA ARG B 94 19.02 42.60 -19.27
C ARG B 94 19.06 44.05 -19.75
N THR B 95 17.95 44.56 -20.25
CA THR B 95 17.90 45.92 -20.79
C THR B 95 17.00 46.84 -19.99
N LEU B 96 16.36 46.32 -18.94
CA LEU B 96 15.43 47.11 -18.12
C LEU B 96 16.17 48.29 -17.47
N GLY B 97 17.38 48.02 -16.98
CA GLY B 97 18.19 49.04 -16.35
C GLY B 97 18.44 50.23 -17.26
N ASP B 98 18.82 49.94 -18.51
CA ASP B 98 19.04 50.98 -19.50
C ASP B 98 17.75 51.73 -19.81
N GLN B 99 16.63 51.02 -19.80
CA GLN B 99 15.33 51.60 -20.05
C GLN B 99 14.92 52.53 -18.92
N LEU B 100 15.17 52.11 -17.69
CA LEU B 100 14.87 52.95 -16.54
C LEU B 100 15.74 54.21 -16.56
N SER B 101 17.04 54.04 -16.81
CA SER B 101 17.95 55.17 -16.91
C SER B 101 17.52 56.12 -18.02
N LEU B 102 17.07 55.55 -19.13
CA LEU B 102 16.62 56.34 -20.26
C LEU B 102 15.38 57.16 -19.91
N LEU B 103 14.36 56.49 -19.38
CA LEU B 103 13.05 57.09 -19.19
C LEU B 103 12.91 57.87 -17.88
N LEU B 104 13.92 57.80 -17.03
CA LEU B 104 13.94 58.56 -15.77
C LEU B 104 15.06 59.59 -15.77
N GLY B 105 15.82 59.67 -16.87
CA GLY B 105 16.88 60.66 -17.00
C GLY B 105 17.99 60.48 -15.98
N ALA B 106 18.37 59.22 -15.74
CA ALA B 106 19.43 58.90 -14.79
C ALA B 106 20.76 58.71 -15.50
N ARG B 107 21.82 59.22 -14.89
CA ARG B 107 23.17 59.14 -15.47
C ARG B 107 23.93 57.94 -14.89
N THR B 108 25.23 57.90 -15.15
CA THR B 108 26.10 56.84 -14.65
C THR B 108 26.65 57.20 -13.26
N GLY B 126 25.34 53.86 -11.56
CA GLY B 126 24.82 54.03 -12.90
C GLY B 126 23.84 52.95 -13.31
N GLN B 127 24.02 51.74 -12.77
CA GLN B 127 23.18 50.59 -13.10
C GLN B 127 22.22 50.21 -11.97
N TRP B 128 21.20 49.46 -12.36
CA TRP B 128 20.11 49.05 -11.49
C TRP B 128 20.27 47.62 -10.98
N ARG B 129 20.03 47.42 -9.69
CA ARG B 129 20.21 46.13 -9.03
C ARG B 129 19.04 45.82 -8.10
N ILE B 130 18.93 44.56 -7.71
CA ILE B 130 17.98 44.15 -6.68
C ILE B 130 18.44 44.81 -5.38
N TYR B 131 17.49 45.32 -4.62
CA TYR B 131 17.76 46.14 -3.43
C TYR B 131 18.72 45.53 -2.40
N GLY B 132 18.33 44.41 -1.81
CA GLY B 132 19.13 43.83 -0.75
C GLY B 132 20.41 43.13 -1.16
N SER B 133 20.79 43.24 -2.43
CA SER B 133 21.94 42.50 -2.94
C SER B 133 22.64 43.20 -4.09
N GLU B 134 23.68 42.56 -4.62
CA GLU B 134 24.39 43.04 -5.80
C GLU B 134 23.90 42.28 -7.02
N GLU B 135 22.83 41.51 -6.85
CA GLU B 135 22.28 40.71 -7.93
C GLU B 135 21.61 41.60 -8.96
N ASP B 136 21.77 41.27 -10.23
CA ASP B 136 21.14 42.04 -11.29
C ASP B 136 19.65 41.71 -11.37
N LEU B 137 18.94 42.42 -12.25
CA LEU B 137 17.50 42.29 -12.33
C LEU B 137 17.06 40.99 -13.03
N CYS B 138 18.03 40.18 -13.44
CA CYS B 138 17.75 38.88 -14.06
C CYS B 138 17.80 37.73 -13.06
N ALA B 139 18.01 38.05 -11.78
CA ALA B 139 18.27 37.04 -10.77
C ALA B 139 17.01 36.28 -10.32
N LEU B 140 15.86 36.94 -10.38
CA LEU B 140 14.61 36.31 -9.97
C LEU B 140 13.63 36.25 -11.15
N PRO B 141 13.95 35.43 -12.16
CA PRO B 141 13.14 35.37 -13.38
C PRO B 141 11.81 34.67 -13.15
N TYR B 142 10.89 34.85 -14.09
CA TYR B 142 9.59 34.19 -14.04
C TYR B 142 9.68 32.72 -14.42
N HIS B 143 9.05 31.87 -13.60
CA HIS B 143 9.02 30.44 -13.83
C HIS B 143 7.59 29.96 -14.13
N GLU B 144 7.46 29.13 -15.16
CA GLU B 144 6.18 28.56 -15.52
C GLU B 144 5.76 27.54 -14.49
N VAL B 145 4.52 27.68 -14.01
CA VAL B 145 3.94 26.77 -13.03
C VAL B 145 2.92 25.89 -13.74
N TYR B 146 3.25 24.61 -13.91
CA TYR B 146 2.41 23.69 -14.66
C TYR B 146 1.27 23.19 -13.77
N THR B 147 0.08 23.12 -14.35
CA THR B 147 -1.11 22.79 -13.59
C THR B 147 -1.31 21.30 -13.48
N ILE B 148 -1.95 20.91 -12.39
CA ILE B 148 -2.28 19.53 -12.10
C ILE B 148 -3.76 19.30 -12.35
N GLN B 149 -4.07 18.23 -13.09
CA GLN B 149 -5.46 17.89 -13.41
C GLN B 149 -6.15 19.09 -14.07
N GLY B 150 -7.35 19.46 -13.61
CA GLY B 150 -8.08 20.55 -14.23
C GLY B 150 -8.39 20.21 -15.68
N ASN B 151 -8.65 21.24 -16.49
CA ASN B 151 -9.05 21.04 -17.88
C ASN B 151 -8.06 21.59 -18.90
N SER B 152 -6.84 21.88 -18.47
CA SER B 152 -5.85 22.55 -19.34
C SER B 152 -4.68 21.67 -19.78
N HIS B 153 -4.75 20.37 -19.48
CA HIS B 153 -3.73 19.41 -19.93
C HIS B 153 -2.31 19.78 -19.47
N GLY B 154 -2.19 20.32 -18.27
CA GLY B 154 -0.89 20.63 -17.71
C GLY B 154 -0.34 21.97 -18.15
N LYS B 155 -1.07 22.67 -19.01
CA LYS B 155 -0.68 24.01 -19.45
C LYS B 155 -0.44 24.90 -18.23
N PRO B 156 0.61 25.74 -18.28
CA PRO B 156 0.95 26.49 -17.06
C PRO B 156 0.04 27.66 -16.74
N CYS B 157 0.05 28.06 -15.47
CA CYS B 157 -0.65 29.24 -15.02
C CYS B 157 -0.32 30.46 -15.85
N THR B 158 -1.36 31.21 -16.23
CA THR B 158 -1.18 32.52 -16.83
C THR B 158 -1.09 33.53 -15.70
N ILE B 159 0.10 34.05 -15.45
CA ILE B 159 0.33 35.05 -14.42
C ILE B 159 0.60 36.41 -15.04
N PRO B 160 -0.20 37.43 -14.72
CA PRO B 160 -1.39 37.39 -13.85
C PRO B 160 -2.62 36.90 -14.60
N PHE B 161 -3.66 36.48 -13.88
CA PHE B 161 -4.93 36.14 -14.52
C PHE B 161 -6.06 36.86 -13.82
N LYS B 162 -7.13 37.14 -14.57
CA LYS B 162 -8.29 37.80 -14.00
C LYS B 162 -9.41 36.78 -13.77
N TYR B 163 -9.98 36.85 -12.57
CA TYR B 163 -11.14 36.05 -12.22
C TYR B 163 -12.13 36.89 -11.42
N ASP B 164 -13.37 36.91 -11.90
CA ASP B 164 -14.46 37.66 -11.26
C ASP B 164 -14.06 39.10 -10.94
N ASN B 165 -13.54 39.80 -11.97
CA ASN B 165 -13.12 41.21 -11.91
C ASN B 165 -11.90 41.50 -11.05
N GLN B 166 -11.20 40.46 -10.61
CA GLN B 166 -10.04 40.65 -9.76
C GLN B 166 -8.77 40.03 -10.36
N TRP B 167 -7.65 40.75 -10.30
CA TRP B 167 -6.37 40.24 -10.78
C TRP B 167 -5.69 39.38 -9.73
N PHE B 168 -5.02 38.32 -10.18
CA PHE B 168 -4.19 37.48 -9.32
C PHE B 168 -2.80 37.32 -9.91
N HIS B 169 -1.77 37.54 -9.09
CA HIS B 169 -0.38 37.42 -9.53
C HIS B 169 0.24 36.14 -9.01
N GLY B 170 -0.62 35.18 -8.66
CA GLY B 170 -0.19 33.92 -8.11
C GLY B 170 -1.40 33.02 -7.99
N CYS B 171 -1.22 31.85 -7.40
CA CYS B 171 -2.31 30.91 -7.19
C CYS B 171 -3.23 31.41 -6.09
N THR B 172 -4.48 30.97 -6.12
CA THR B 172 -5.47 31.40 -5.14
C THR B 172 -6.48 30.30 -4.86
N SER B 173 -7.17 30.42 -3.73
CA SER B 173 -8.23 29.47 -3.37
C SER B 173 -9.58 30.16 -3.44
N THR B 174 -9.58 31.45 -3.72
CA THR B 174 -10.82 32.21 -3.81
C THR B 174 -11.66 31.65 -4.97
N GLY B 175 -12.94 31.41 -4.69
CA GLY B 175 -13.82 30.79 -5.66
C GLY B 175 -13.93 29.29 -5.48
N ARG B 176 -13.26 28.76 -4.46
CA ARG B 176 -13.26 27.33 -4.18
C ARG B 176 -13.52 27.06 -2.70
N GLU B 177 -14.37 26.08 -2.44
CA GLU B 177 -14.75 25.72 -1.08
C GLU B 177 -13.64 24.96 -0.37
N ASP B 178 -13.11 23.92 -1.01
CA ASP B 178 -12.11 23.04 -0.40
C ASP B 178 -10.81 23.75 -0.02
N GLY B 179 -10.57 24.93 -0.59
CA GLY B 179 -9.41 25.72 -0.24
C GLY B 179 -8.16 25.33 -1.02
N HIS B 180 -8.31 24.43 -1.99
CA HIS B 180 -7.21 24.04 -2.85
C HIS B 180 -6.81 25.19 -3.76
N LEU B 181 -5.51 25.36 -3.96
CA LEU B 181 -4.98 26.43 -4.80
C LEU B 181 -5.10 26.10 -6.28
N TRP B 182 -5.49 27.11 -7.07
CA TRP B 182 -5.69 26.94 -8.50
C TRP B 182 -5.30 28.21 -9.25
N CYS B 183 -5.36 28.15 -10.57
CA CYS B 183 -5.03 29.28 -11.42
C CYS B 183 -5.65 29.09 -12.78
N ALA B 184 -5.90 30.20 -13.48
CA ALA B 184 -6.35 30.14 -14.86
C ALA B 184 -5.16 29.89 -15.77
N THR B 185 -5.39 29.25 -16.91
CA THR B 185 -4.32 29.00 -17.88
C THR B 185 -4.53 29.86 -19.12
N THR B 186 -5.48 30.79 -19.02
CA THR B 186 -5.56 31.92 -19.92
C THR B 186 -5.68 33.18 -19.07
N GLN B 187 -5.64 34.33 -19.70
CA GLN B 187 -5.64 35.58 -18.96
C GLN B 187 -7.02 35.95 -18.42
N ASP B 188 -8.06 35.34 -18.99
CA ASP B 188 -9.44 35.69 -18.65
C ASP B 188 -10.27 34.44 -18.38
N TYR B 189 -10.39 34.07 -17.10
CA TYR B 189 -11.15 32.88 -16.73
C TYR B 189 -12.61 33.00 -17.15
N GLY B 190 -13.19 34.18 -16.97
CA GLY B 190 -14.57 34.43 -17.33
C GLY B 190 -14.86 34.12 -18.80
N LYS B 191 -13.90 34.43 -19.65
CA LYS B 191 -14.07 34.21 -21.09
C LYS B 191 -13.83 32.74 -21.48
N ASP B 192 -12.70 32.18 -21.04
CA ASP B 192 -12.25 30.88 -21.55
C ASP B 192 -12.57 29.72 -20.60
N GLU B 193 -12.61 30.01 -19.31
CA GLU B 193 -12.86 28.99 -18.29
C GLU B 193 -11.83 27.84 -18.35
N ARG B 194 -10.57 28.19 -18.58
CA ARG B 194 -9.49 27.21 -18.53
C ARG B 194 -8.67 27.36 -17.25
N TRP B 195 -8.48 26.26 -16.54
CA TRP B 195 -7.87 26.28 -15.21
C TRP B 195 -7.17 24.96 -14.87
N GLY B 196 -6.50 24.95 -13.72
CA GLY B 196 -5.98 23.72 -13.16
C GLY B 196 -5.46 23.96 -11.75
N PHE B 197 -5.24 22.87 -11.01
CA PHE B 197 -4.70 22.97 -9.66
C PHE B 197 -3.23 23.33 -9.73
N CYS B 198 -2.77 24.10 -8.76
CA CYS B 198 -1.37 24.48 -8.72
C CYS B 198 -0.56 23.40 -8.02
N PRO B 199 0.73 23.28 -8.38
CA PRO B 199 1.60 22.31 -7.71
C PRO B 199 1.94 22.80 -6.31
N ILE B 200 2.07 21.88 -5.37
CA ILE B 200 2.43 22.23 -4.00
C ILE B 200 3.63 21.40 -3.55
N LYS B 201 4.47 21.99 -2.69
CA LYS B 201 5.57 21.28 -2.06
C LYS B 201 5.14 20.80 -0.67
N SER B 202 4.83 19.51 -0.56
CA SER B 202 4.28 18.94 0.66
C SER B 202 5.21 17.90 1.30
N ASN B 203 5.09 17.73 2.62
CA ASN B 203 5.79 16.69 3.35
C ASN B 203 4.96 15.40 3.44
N ASP B 204 3.75 15.45 2.88
CA ASP B 204 2.88 14.29 2.80
C ASP B 204 2.58 14.02 1.32
N CYS B 205 1.65 13.10 1.07
CA CYS B 205 1.29 12.74 -0.30
C CYS B 205 -0.23 12.74 -0.47
N GLU B 206 -0.86 13.79 0.02
CA GLU B 206 -2.31 13.82 0.10
C GLU B 206 -2.93 14.34 -1.20
N THR B 207 -4.15 13.91 -1.46
CA THR B 207 -4.95 14.36 -2.59
C THR B 207 -4.40 14.00 -3.98
N PHE B 208 -3.16 14.35 -4.27
CA PHE B 208 -2.65 14.26 -5.64
C PHE B 208 -1.68 13.11 -5.88
N TRP B 209 -1.61 12.17 -4.94
CA TRP B 209 -0.63 11.08 -5.02
C TRP B 209 -1.20 9.73 -4.61
N ASP B 210 -0.81 8.68 -5.34
CA ASP B 210 -1.01 7.30 -4.90
C ASP B 210 0.19 6.89 -4.06
N LYS B 211 -0.04 6.43 -2.84
CA LYS B 211 1.05 6.00 -1.97
C LYS B 211 1.11 4.48 -1.87
N ASP B 212 2.32 3.93 -2.04
CA ASP B 212 2.58 2.52 -1.79
C ASP B 212 2.92 2.34 -0.31
N GLN B 213 2.05 1.63 0.40
CA GLN B 213 2.19 1.48 1.85
C GLN B 213 3.40 0.63 2.22
N LEU B 214 3.85 -0.20 1.29
CA LEU B 214 4.96 -1.11 1.55
C LEU B 214 6.32 -0.43 1.48
N THR B 215 6.43 0.64 0.68
CA THR B 215 7.70 1.33 0.47
C THR B 215 7.66 2.80 0.89
N ASP B 216 6.46 3.32 1.16
CA ASP B 216 6.27 4.74 1.44
C ASP B 216 6.78 5.65 0.30
N SER B 217 6.60 5.18 -0.93
CA SER B 217 6.87 5.99 -2.12
C SER B 217 5.54 6.47 -2.69
N CYS B 218 5.50 7.73 -3.11
CA CYS B 218 4.28 8.32 -3.64
C CYS B 218 4.40 8.53 -5.15
N TYR B 219 3.30 8.33 -5.86
CA TYR B 219 3.28 8.39 -7.31
C TYR B 219 2.11 9.24 -7.81
N GLN B 220 2.34 9.94 -8.91
CA GLN B 220 1.32 10.79 -9.50
C GLN B 220 1.28 10.58 -11.02
N PHE B 221 0.25 9.90 -11.49
CA PHE B 221 0.07 9.66 -12.92
C PHE B 221 -0.81 10.75 -13.54
N ASN B 222 -0.14 11.71 -14.19
CA ASN B 222 -0.83 12.81 -14.84
C ASN B 222 -1.27 12.44 -16.26
N PHE B 223 -2.30 11.61 -16.34
CA PHE B 223 -2.79 11.07 -17.61
C PHE B 223 -3.29 12.13 -18.59
N GLN B 224 -3.83 13.23 -18.07
CA GLN B 224 -4.51 14.22 -18.90
C GLN B 224 -3.58 15.32 -19.38
N SER B 225 -2.37 15.37 -18.82
CA SER B 225 -1.40 16.40 -19.19
C SER B 225 -0.65 16.05 -20.48
N THR B 226 -0.16 17.08 -21.15
CA THR B 226 0.69 16.91 -22.32
C THR B 226 1.86 17.88 -22.27
N LEU B 227 2.96 17.42 -21.68
CA LEU B 227 4.18 18.23 -21.54
C LEU B 227 5.38 17.55 -22.15
N SER B 228 6.38 18.36 -22.50
CA SER B 228 7.66 17.85 -22.94
C SER B 228 8.37 17.26 -21.72
N TRP B 229 9.45 16.52 -21.98
CA TRP B 229 10.16 15.86 -20.90
C TRP B 229 10.71 16.87 -19.90
N ARG B 230 11.34 17.91 -20.40
CA ARG B 230 11.85 18.98 -19.53
C ARG B 230 10.73 19.71 -18.80
N GLU B 231 9.59 19.89 -19.47
CA GLU B 231 8.44 20.50 -18.81
C GLU B 231 7.92 19.55 -17.73
N ALA B 232 7.79 18.28 -18.06
CA ALA B 232 7.37 17.28 -17.08
C ALA B 232 8.32 17.27 -15.90
N TRP B 233 9.63 17.34 -16.18
CA TRP B 233 10.64 17.39 -15.13
C TRP B 233 10.45 18.59 -14.20
N ALA B 234 10.24 19.76 -14.80
CA ALA B 234 9.99 20.98 -14.02
C ALA B 234 8.74 20.85 -13.16
N SER B 235 7.69 20.26 -13.72
CA SER B 235 6.44 20.03 -12.97
C SER B 235 6.67 19.15 -11.75
N CYS B 236 7.37 18.03 -11.91
CA CYS B 236 7.66 17.14 -10.80
C CYS B 236 8.56 17.86 -9.78
N GLU B 237 9.53 18.62 -10.27
CA GLU B 237 10.50 19.28 -9.40
C GLU B 237 9.84 20.33 -8.49
N GLN B 238 8.88 21.07 -9.03
CA GLN B 238 8.24 22.13 -8.27
C GLN B 238 7.14 21.60 -7.35
N GLN B 239 6.95 20.27 -7.37
CA GLN B 239 6.14 19.59 -6.36
C GLN B 239 7.02 18.93 -5.29
N GLY B 240 8.33 19.20 -5.35
CA GLY B 240 9.27 18.56 -4.45
C GLY B 240 9.43 17.10 -4.77
N ALA B 241 9.43 16.80 -6.08
CA ALA B 241 9.47 15.43 -6.56
C ALA B 241 10.43 15.33 -7.75
N ASP B 242 10.35 14.22 -8.47
CA ASP B 242 11.18 14.00 -9.64
C ASP B 242 10.38 13.11 -10.57
N LEU B 243 10.80 13.00 -11.83
CA LEU B 243 10.14 12.05 -12.72
C LEU B 243 10.33 10.63 -12.21
N LEU B 244 9.40 9.75 -12.55
CA LEU B 244 9.39 8.37 -12.04
C LEU B 244 10.69 7.61 -12.33
N SER B 245 11.26 7.03 -11.28
CA SER B 245 12.34 6.04 -11.43
C SER B 245 11.86 4.66 -10.96
N ILE B 246 12.26 3.64 -11.71
CA ILE B 246 11.88 2.25 -11.45
C ILE B 246 13.12 1.39 -11.17
N THR B 247 13.36 1.09 -9.89
CA THR B 247 14.61 0.47 -9.47
C THR B 247 14.50 -1.01 -9.07
N GLU B 248 13.29 -1.46 -8.75
CA GLU B 248 13.07 -2.84 -8.33
C GLU B 248 11.96 -3.49 -9.14
N ILE B 249 11.87 -4.81 -9.06
CA ILE B 249 10.80 -5.53 -9.76
C ILE B 249 9.46 -5.24 -9.12
N HIS B 250 9.43 -5.07 -7.79
CA HIS B 250 8.19 -4.74 -7.13
C HIS B 250 7.66 -3.40 -7.63
N GLU B 251 8.55 -2.43 -7.75
CA GLU B 251 8.15 -1.09 -8.16
C GLU B 251 7.54 -1.13 -9.55
N GLN B 252 8.10 -1.95 -10.42
CA GLN B 252 7.58 -2.10 -11.77
C GLN B 252 6.18 -2.71 -11.73
N THR B 253 6.01 -3.72 -10.88
CA THR B 253 4.73 -4.42 -10.78
C THR B 253 3.66 -3.49 -10.17
N TYR B 254 4.03 -2.77 -9.11
CA TYR B 254 3.13 -1.81 -8.47
C TYR B 254 2.70 -0.70 -9.42
N ILE B 255 3.58 -0.31 -10.33
CA ILE B 255 3.28 0.74 -11.31
C ILE B 255 2.28 0.22 -12.35
N ASN B 256 2.43 -1.04 -12.73
CA ASN B 256 1.63 -1.67 -13.79
C ASN B 256 0.10 -1.91 -13.66
N GLY B 257 -0.51 -2.12 -12.50
CA GLY B 257 -0.09 -1.73 -11.16
C GLY B 257 -1.04 -0.59 -10.77
N LEU B 258 -0.88 0.52 -11.46
CA LEU B 258 -1.76 1.69 -11.36
C LEU B 258 -2.18 2.07 -12.78
N LEU B 259 -1.54 1.42 -13.76
CA LEU B 259 -1.77 1.69 -15.17
C LEU B 259 -2.91 0.86 -15.73
N THR B 260 -3.39 -0.12 -14.96
CA THR B 260 -4.45 -1.01 -15.44
C THR B 260 -5.71 -0.24 -15.74
N GLY B 261 -6.28 -0.50 -16.92
CA GLY B 261 -7.47 0.19 -17.37
C GLY B 261 -7.11 1.32 -18.31
N TYR B 262 -6.12 2.11 -17.89
CA TYR B 262 -5.65 3.23 -18.69
C TYR B 262 -4.95 2.74 -19.95
N SER B 263 -4.92 3.61 -20.95
CA SER B 263 -4.18 3.38 -22.18
C SER B 263 -3.31 4.60 -22.42
N SER B 264 -2.02 4.51 -22.11
CA SER B 264 -1.19 5.69 -22.08
C SER B 264 0.30 5.44 -22.34
N THR B 265 0.98 6.53 -22.69
CA THR B 265 2.43 6.55 -22.83
C THR B 265 2.93 7.77 -22.07
N LEU B 266 3.67 7.53 -20.99
CA LEU B 266 4.03 8.60 -20.06
C LEU B 266 5.54 8.77 -19.94
N TRP B 267 5.99 10.03 -19.88
CA TRP B 267 7.41 10.31 -19.63
C TRP B 267 7.89 9.68 -18.33
N ILE B 268 9.13 9.23 -18.36
CA ILE B 268 9.81 8.64 -17.21
C ILE B 268 11.10 9.42 -16.96
N GLY B 269 11.72 9.21 -15.81
CA GLY B 269 12.91 9.94 -15.44
C GLY B 269 14.15 9.49 -16.20
N LEU B 270 13.97 8.50 -17.07
CA LEU B 270 15.07 7.87 -17.77
C LEU B 270 15.56 8.74 -18.94
N ASN B 271 16.88 8.90 -19.06
CA ASN B 271 17.45 9.71 -20.14
C ASN B 271 18.94 9.51 -20.33
N ASP B 272 19.43 9.82 -21.53
CA ASP B 272 20.86 9.83 -21.82
C ASP B 272 21.29 11.20 -22.36
N LEU B 273 20.79 12.25 -21.73
CA LEU B 273 21.07 13.62 -22.15
C LEU B 273 22.53 14.03 -21.84
N ASP B 274 23.03 13.65 -20.67
CA ASP B 274 24.43 13.90 -20.32
C ASP B 274 25.36 13.20 -21.31
N THR B 275 25.41 11.88 -21.22
CA THR B 275 26.23 11.06 -22.10
C THR B 275 25.35 10.19 -22.98
N SER B 276 25.56 10.25 -24.29
CA SER B 276 24.75 9.49 -25.21
C SER B 276 24.91 8.00 -24.96
N GLY B 277 23.79 7.30 -24.82
CA GLY B 277 23.78 5.87 -24.57
C GLY B 277 24.00 5.53 -23.11
N GLY B 278 24.48 6.50 -22.32
CA GLY B 278 24.70 6.30 -20.90
C GLY B 278 23.44 6.65 -20.12
N TRP B 279 22.49 5.72 -20.11
CA TRP B 279 21.18 5.99 -19.53
C TRP B 279 21.21 6.14 -18.02
N GLN B 280 20.57 7.21 -17.55
CA GLN B 280 20.50 7.51 -16.12
C GLN B 280 19.08 7.88 -15.72
N TRP B 281 18.78 7.73 -14.43
CA TRP B 281 17.55 8.24 -13.86
C TRP B 281 17.77 9.67 -13.42
N SER B 282 16.82 10.55 -13.71
CA SER B 282 16.97 11.96 -13.35
C SER B 282 17.17 12.12 -11.85
N ASP B 283 16.62 11.20 -11.05
CA ASP B 283 16.74 11.29 -9.59
C ASP B 283 18.00 10.59 -9.09
N ASN B 284 18.90 10.27 -10.02
CA ASN B 284 20.19 9.67 -9.71
C ASN B 284 20.10 8.28 -9.07
N SER B 285 18.98 7.59 -9.30
CA SER B 285 18.87 6.20 -8.89
C SER B 285 19.82 5.37 -9.74
N PRO B 286 20.34 4.27 -9.18
CA PRO B 286 21.17 3.36 -9.98
C PRO B 286 20.35 2.66 -11.04
N LEU B 287 20.93 2.44 -12.22
CA LEU B 287 20.25 1.69 -13.28
C LEU B 287 20.46 0.18 -13.05
N LYS B 288 19.82 -0.36 -12.02
CA LYS B 288 20.00 -1.75 -11.63
C LYS B 288 18.91 -2.65 -12.19
N TYR B 289 17.76 -2.04 -12.49
CA TYR B 289 16.65 -2.77 -13.10
C TYR B 289 16.30 -2.16 -14.45
N LEU B 290 15.99 -3.03 -15.41
CA LEU B 290 15.64 -2.58 -16.76
C LEU B 290 14.46 -3.36 -17.31
N ASN B 291 13.61 -2.66 -18.04
CA ASN B 291 12.46 -3.25 -18.69
C ASN B 291 12.24 -2.63 -20.06
N TRP B 292 13.32 -2.38 -20.78
CA TRP B 292 13.23 -1.97 -22.17
C TRP B 292 12.37 -2.94 -22.94
N GLU B 293 11.52 -2.42 -23.82
CA GLU B 293 10.86 -3.24 -24.82
C GLU B 293 11.93 -3.87 -25.71
N SER B 294 11.56 -4.91 -26.45
CA SER B 294 12.54 -5.73 -27.15
C SER B 294 13.43 -4.94 -28.13
N ASP B 295 12.84 -3.99 -28.84
CA ASP B 295 13.56 -3.23 -29.87
C ASP B 295 14.14 -1.89 -29.37
N GLN B 296 14.14 -1.71 -28.05
CA GLN B 296 14.52 -0.42 -27.46
C GLN B 296 15.78 -0.55 -26.61
N PRO B 297 16.54 0.55 -26.46
CA PRO B 297 16.35 1.85 -27.11
C PRO B 297 16.95 1.89 -28.52
N ASP B 298 16.40 2.74 -29.38
CA ASP B 298 16.89 2.92 -30.74
C ASP B 298 17.02 4.41 -31.05
N ASN B 299 17.25 4.74 -32.32
CA ASN B 299 17.40 6.13 -32.77
C ASN B 299 18.23 6.98 -31.80
N PRO B 300 19.47 6.54 -31.52
CA PRO B 300 20.29 7.15 -30.47
C PRO B 300 20.62 8.63 -30.64
N SER B 301 20.55 9.15 -31.87
CA SER B 301 20.97 10.52 -32.12
C SER B 301 19.85 11.55 -31.94
N GLU B 302 18.61 11.08 -31.78
CA GLU B 302 17.47 12.00 -31.70
C GLU B 302 16.46 11.65 -30.59
N GLU B 303 16.45 10.40 -30.12
CA GLU B 303 15.54 9.98 -29.06
C GLU B 303 16.29 9.75 -27.75
N ASN B 304 16.12 10.68 -26.81
CA ASN B 304 16.92 10.70 -25.58
C ASN B 304 16.16 10.60 -24.27
N CYS B 305 14.85 10.37 -24.32
CA CYS B 305 14.04 10.36 -23.10
C CYS B 305 13.13 9.13 -23.01
N GLY B 306 13.00 8.61 -21.80
CA GLY B 306 12.28 7.36 -21.57
C GLY B 306 10.80 7.52 -21.31
N VAL B 307 10.02 6.58 -21.84
CA VAL B 307 8.58 6.52 -21.58
C VAL B 307 8.15 5.11 -21.20
N ILE B 308 7.11 5.01 -20.39
CA ILE B 308 6.49 3.73 -20.07
C ILE B 308 5.19 3.60 -20.87
N ARG B 309 4.89 2.38 -21.32
CA ARG B 309 3.73 2.16 -22.18
C ARG B 309 2.83 1.06 -21.63
N THR B 310 1.52 1.25 -21.80
CA THR B 310 0.55 0.27 -21.35
C THR B 310 0.40 -0.87 -22.34
N GLU B 311 0.65 -0.61 -23.63
CA GLU B 311 0.52 -1.64 -24.65
C GLU B 311 1.47 -2.80 -24.37
N SER B 312 2.67 -2.46 -23.93
CA SER B 312 3.68 -3.46 -23.61
C SER B 312 3.61 -3.84 -22.14
N SER B 313 2.50 -3.49 -21.48
CA SER B 313 2.31 -3.78 -20.07
C SER B 313 3.45 -3.23 -19.20
N GLY B 314 3.87 -2.01 -19.49
CA GLY B 314 4.85 -1.32 -18.66
C GLY B 314 6.24 -1.40 -19.23
N GLY B 315 6.35 -1.71 -20.51
CA GLY B 315 7.63 -1.73 -21.19
C GLY B 315 8.10 -0.31 -21.47
N TRP B 316 9.41 -0.15 -21.66
CA TRP B 316 10.02 1.17 -21.83
C TRP B 316 10.43 1.43 -23.27
N GLN B 317 10.20 2.65 -23.74
CA GLN B 317 10.72 3.10 -25.04
C GLN B 317 11.52 4.38 -24.83
N ASN B 318 12.37 4.72 -25.79
CA ASN B 318 13.03 6.01 -25.79
C ASN B 318 12.43 6.88 -26.90
N ARG B 319 12.21 8.15 -26.60
CA ARG B 319 11.54 9.06 -27.52
C ARG B 319 12.24 10.42 -27.59
N ASP B 320 11.77 11.24 -28.51
CA ASP B 320 12.20 12.63 -28.65
C ASP B 320 11.79 13.43 -27.40
N CYS B 321 12.77 14.00 -26.71
CA CYS B 321 12.52 14.72 -25.47
C CYS B 321 11.61 15.96 -25.59
N SER B 322 11.45 16.48 -26.80
CA SER B 322 10.69 17.71 -26.99
C SER B 322 9.22 17.43 -27.30
N ILE B 323 8.90 16.15 -27.53
CA ILE B 323 7.53 15.70 -27.73
C ILE B 323 6.69 15.86 -26.47
N ALA B 324 5.39 16.13 -26.64
CA ALA B 324 4.50 16.39 -25.51
C ALA B 324 3.67 15.15 -25.12
N LEU B 325 3.79 14.74 -23.87
CA LEU B 325 3.12 13.54 -23.37
C LEU B 325 2.68 13.70 -21.92
N PRO B 326 1.78 12.82 -21.45
CA PRO B 326 1.57 12.71 -20.00
C PRO B 326 2.82 12.21 -19.31
N TYR B 327 2.85 12.24 -17.98
CA TYR B 327 4.07 11.92 -17.24
C TYR B 327 3.79 11.46 -15.82
N VAL B 328 4.80 10.87 -15.19
CA VAL B 328 4.70 10.32 -13.85
C VAL B 328 5.71 10.94 -12.89
N CYS B 329 5.24 11.42 -11.76
CA CYS B 329 6.12 11.94 -10.72
C CYS B 329 6.29 10.93 -9.61
N LYS B 330 7.33 11.09 -8.82
CA LYS B 330 7.64 10.17 -7.74
C LYS B 330 8.20 10.98 -6.58
N LYS B 331 7.80 10.63 -5.37
CA LYS B 331 8.14 11.42 -4.19
C LYS B 331 8.25 10.60 -2.90
N LYS B 332 8.91 11.17 -1.90
CA LYS B 332 8.99 10.60 -0.55
C LYS B 332 8.79 11.68 0.51
N LYS B 349 39.61 3.79 7.87
CA LYS B 349 41.06 3.63 7.95
C LYS B 349 41.44 2.30 8.60
N VAL B 350 41.52 1.25 7.79
CA VAL B 350 41.78 -0.10 8.27
C VAL B 350 43.01 -0.71 7.59
N GLU B 351 43.52 -1.81 8.17
CA GLU B 351 44.68 -2.50 7.63
C GLU B 351 44.34 -3.86 7.03
N CYS B 352 45.11 -4.25 6.01
CA CYS B 352 44.85 -5.44 5.22
C CYS B 352 46.00 -6.45 5.29
N GLU B 353 45.73 -7.66 4.81
CA GLU B 353 46.74 -8.69 4.64
C GLU B 353 47.77 -8.19 3.62
N PRO B 354 48.92 -8.87 3.52
CA PRO B 354 49.95 -8.35 2.60
C PRO B 354 49.55 -8.29 1.13
N SER B 355 48.90 -9.32 0.61
CA SER B 355 48.52 -9.36 -0.79
C SER B 355 47.30 -8.51 -1.13
N TRP B 356 46.75 -7.81 -0.12
CA TRP B 356 45.59 -6.97 -0.30
C TRP B 356 45.92 -5.49 -0.08
N GLN B 357 45.18 -4.60 -0.73
CA GLN B 357 45.38 -3.16 -0.57
C GLN B 357 44.14 -2.50 0.04
N PRO B 358 44.35 -1.49 0.92
CA PRO B 358 43.25 -0.85 1.63
C PRO B 358 42.62 0.34 0.91
N PHE B 359 41.31 0.49 1.05
CA PHE B 359 40.64 1.73 0.68
C PHE B 359 39.39 1.92 1.53
N GLN B 360 39.33 3.07 2.21
CA GLN B 360 38.27 3.35 3.18
C GLN B 360 38.18 2.24 4.21
N GLY B 361 37.15 1.40 4.13
CA GLY B 361 36.91 0.37 5.13
C GLY B 361 37.03 -1.04 4.61
N HIS B 362 37.67 -1.20 3.46
CA HIS B 362 37.75 -2.50 2.81
C HIS B 362 39.12 -2.79 2.24
N CYS B 363 39.35 -4.07 1.94
CA CYS B 363 40.58 -4.53 1.32
C CYS B 363 40.28 -5.04 -0.08
N TYR B 364 41.14 -4.72 -1.03
CA TYR B 364 40.94 -5.08 -2.43
C TYR B 364 42.15 -5.81 -2.99
N ARG B 365 41.89 -6.77 -3.89
CA ARG B 365 42.96 -7.56 -4.48
C ARG B 365 42.60 -7.95 -5.91
N LEU B 366 43.59 -7.88 -6.80
CA LEU B 366 43.45 -8.35 -8.17
C LEU B 366 43.75 -9.85 -8.24
N GLN B 367 42.86 -10.58 -8.91
CA GLN B 367 43.12 -11.97 -9.28
C GLN B 367 43.41 -11.99 -10.78
N ALA B 368 44.70 -12.09 -11.12
CA ALA B 368 45.15 -11.92 -12.51
C ALA B 368 44.81 -13.12 -13.39
N GLU B 369 44.71 -14.28 -12.77
CA GLU B 369 44.38 -15.50 -13.49
C GLU B 369 42.96 -15.42 -14.07
N LYS B 370 42.84 -15.76 -15.35
CA LYS B 370 41.56 -15.75 -16.04
C LYS B 370 40.66 -16.94 -15.68
N ARG B 371 39.46 -16.63 -15.20
CA ARG B 371 38.44 -17.63 -14.91
C ARG B 371 37.07 -17.12 -15.31
N SER B 372 36.06 -17.98 -15.21
CA SER B 372 34.67 -17.55 -15.40
C SER B 372 34.23 -16.72 -14.20
N TRP B 373 33.08 -16.08 -14.31
CA TRP B 373 32.56 -15.27 -13.21
C TRP B 373 32.40 -16.13 -11.95
N GLN B 374 31.75 -17.28 -12.09
CA GLN B 374 31.52 -18.18 -10.97
C GLN B 374 32.82 -18.71 -10.36
N GLU B 375 33.75 -19.13 -11.22
CA GLU B 375 35.04 -19.60 -10.75
C GLU B 375 35.86 -18.45 -10.16
N SER B 376 35.65 -17.25 -10.69
CA SER B 376 36.28 -16.07 -10.11
C SER B 376 35.71 -15.80 -8.72
N LYS B 377 34.39 -15.91 -8.59
CA LYS B 377 33.74 -15.70 -7.30
C LYS B 377 34.21 -16.74 -6.29
N LYS B 378 34.22 -18.00 -6.69
CA LYS B 378 34.65 -19.08 -5.79
C LYS B 378 36.10 -18.85 -5.34
N ALA B 379 36.94 -18.34 -6.24
CA ALA B 379 38.31 -18.04 -5.89
C ALA B 379 38.37 -16.91 -4.86
N CYS B 380 37.47 -15.92 -4.97
CA CYS B 380 37.40 -14.85 -4.00
C CYS B 380 36.95 -15.38 -2.64
N LEU B 381 35.96 -16.27 -2.66
CA LEU B 381 35.43 -16.85 -1.43
C LEU B 381 36.47 -17.65 -0.68
N ARG B 382 37.22 -18.47 -1.41
CA ARG B 382 38.28 -19.28 -0.79
C ARG B 382 39.35 -18.36 -0.19
N GLY B 383 39.45 -17.15 -0.72
CA GLY B 383 40.37 -16.16 -0.20
C GLY B 383 39.77 -15.32 0.91
N GLY B 384 38.55 -15.67 1.32
CA GLY B 384 37.88 -15.00 2.42
C GLY B 384 37.13 -13.74 2.05
N GLY B 385 36.87 -13.55 0.76
CA GLY B 385 36.17 -12.37 0.28
C GLY B 385 35.06 -12.71 -0.71
N ASP B 386 34.81 -11.78 -1.63
CA ASP B 386 33.78 -11.95 -2.65
C ASP B 386 34.16 -11.05 -3.82
N LEU B 387 33.49 -11.23 -4.96
CA LEU B 387 33.70 -10.34 -6.08
C LEU B 387 33.34 -8.92 -5.66
N VAL B 388 34.17 -7.96 -6.08
CA VAL B 388 34.07 -6.58 -5.63
C VAL B 388 32.68 -5.96 -5.87
N SER B 389 32.22 -5.21 -4.88
CA SER B 389 31.01 -4.41 -5.00
C SER B 389 31.43 -2.94 -4.96
N ILE B 390 30.70 -2.11 -5.71
CA ILE B 390 31.10 -0.73 -5.92
C ILE B 390 29.92 0.20 -5.70
N HIS B 391 30.05 1.08 -4.70
CA HIS B 391 28.93 1.88 -4.23
C HIS B 391 29.13 3.39 -4.33
N SER B 392 30.28 3.82 -4.84
CA SER B 392 30.54 5.24 -5.02
C SER B 392 31.57 5.46 -6.12
N MET B 393 31.60 6.67 -6.65
CA MET B 393 32.51 7.01 -7.73
C MET B 393 33.96 6.99 -7.23
N ALA B 394 34.16 7.31 -5.97
CA ALA B 394 35.50 7.33 -5.39
C ALA B 394 36.06 5.91 -5.25
N GLU B 395 35.19 4.98 -4.85
CA GLU B 395 35.58 3.59 -4.70
C GLU B 395 35.98 3.02 -6.06
N LEU B 396 35.21 3.37 -7.08
CA LEU B 396 35.49 2.92 -8.44
C LEU B 396 36.86 3.40 -8.91
N GLU B 397 37.18 4.67 -8.63
CA GLU B 397 38.45 5.25 -9.06
C GLU B 397 39.64 4.54 -8.42
N PHE B 398 39.50 4.21 -7.14
CA PHE B 398 40.55 3.46 -6.46
C PHE B 398 40.72 2.10 -7.15
N ILE B 399 39.61 1.43 -7.40
CA ILE B 399 39.62 0.11 -8.01
C ILE B 399 40.26 0.18 -9.40
N THR B 400 39.93 1.24 -10.13
CA THR B 400 40.38 1.36 -11.51
C THR B 400 41.85 1.77 -11.59
N LYS B 401 42.26 2.73 -10.77
CA LYS B 401 43.63 3.24 -10.84
C LYS B 401 44.64 2.36 -10.11
N GLN B 402 44.24 1.81 -8.97
CA GLN B 402 45.18 1.12 -8.08
C GLN B 402 45.20 -0.39 -8.28
N ILE B 403 44.02 -0.98 -8.49
CA ILE B 403 43.89 -2.43 -8.54
C ILE B 403 43.85 -2.98 -9.97
N LYS B 404 42.95 -2.42 -10.78
CA LYS B 404 42.83 -2.86 -12.17
C LYS B 404 44.08 -2.50 -12.96
N GLN B 405 44.47 -1.23 -12.87
CA GLN B 405 45.63 -0.72 -13.60
C GLN B 405 45.54 -1.03 -15.10
N GLU B 406 46.46 -1.81 -15.64
CA GLU B 406 46.54 -1.98 -17.09
C GLU B 406 45.77 -3.19 -17.62
N VAL B 407 45.19 -3.98 -16.73
CA VAL B 407 44.26 -5.05 -17.12
C VAL B 407 43.06 -4.45 -17.87
N GLU B 408 42.77 -4.99 -19.05
CA GLU B 408 41.77 -4.38 -19.94
C GLU B 408 40.35 -4.57 -19.41
N GLU B 409 40.02 -5.82 -19.09
CA GLU B 409 38.67 -6.16 -18.65
C GLU B 409 38.70 -7.25 -17.57
N LEU B 410 37.87 -7.10 -16.55
CA LEU B 410 37.82 -8.06 -15.46
C LEU B 410 36.46 -8.09 -14.75
N TRP B 411 36.18 -9.20 -14.08
CA TRP B 411 34.89 -9.43 -13.43
C TRP B 411 34.69 -8.64 -12.15
N ILE B 412 33.46 -8.17 -11.93
CA ILE B 412 33.06 -7.66 -10.63
C ILE B 412 31.78 -8.37 -10.18
N GLY B 413 31.28 -8.01 -9.00
CA GLY B 413 30.23 -8.77 -8.34
C GLY B 413 28.82 -8.65 -8.89
N LEU B 414 28.58 -7.70 -9.80
CA LEU B 414 27.21 -7.43 -10.26
C LEU B 414 26.72 -8.51 -11.22
N ASN B 415 25.46 -8.92 -11.06
CA ASN B 415 24.88 -9.99 -11.87
C ASN B 415 23.37 -10.09 -11.72
N ASP B 416 22.73 -10.79 -12.65
CA ASP B 416 21.29 -11.07 -12.56
C ASP B 416 21.01 -12.58 -12.67
N LEU B 417 21.90 -13.38 -12.11
CA LEU B 417 21.74 -14.83 -12.15
C LEU B 417 20.44 -15.22 -11.47
N LYS B 418 20.20 -14.64 -10.30
CA LYS B 418 18.98 -14.90 -9.52
C LYS B 418 17.71 -14.63 -10.34
N LEU B 419 17.41 -13.35 -10.57
CA LEU B 419 16.28 -12.95 -11.37
C LEU B 419 16.77 -12.01 -12.47
N GLN B 420 16.42 -12.31 -13.72
CA GLN B 420 16.96 -11.55 -14.84
C GLN B 420 16.37 -10.14 -14.92
N MET B 421 17.14 -9.26 -15.56
CA MET B 421 16.81 -7.84 -15.71
C MET B 421 16.85 -7.07 -14.39
N ASN B 422 17.24 -7.75 -13.30
CA ASN B 422 17.37 -7.08 -12.00
C ASN B 422 18.73 -7.43 -11.38
N PHE B 423 19.66 -6.49 -11.47
CA PHE B 423 21.04 -6.74 -11.11
C PHE B 423 21.28 -6.62 -9.62
N GLU B 424 22.13 -7.51 -9.11
CA GLU B 424 22.46 -7.57 -7.69
C GLU B 424 23.95 -7.82 -7.53
N TRP B 425 24.52 -7.39 -6.40
CA TRP B 425 25.89 -7.72 -6.05
C TRP B 425 25.92 -9.12 -5.44
N SER B 426 26.94 -9.90 -5.78
CA SER B 426 27.09 -11.24 -5.25
C SER B 426 27.23 -11.25 -3.73
N ASP B 427 27.82 -10.20 -3.17
CA ASP B 427 28.07 -10.15 -1.73
C ASP B 427 26.84 -9.67 -0.96
N GLY B 428 25.72 -9.55 -1.67
CA GLY B 428 24.45 -9.21 -1.05
C GLY B 428 24.28 -7.74 -0.67
N SER B 429 25.30 -6.93 -0.90
CA SER B 429 25.21 -5.49 -0.62
C SER B 429 24.16 -4.86 -1.52
N LEU B 430 23.62 -3.72 -1.10
CA LEU B 430 22.61 -3.03 -1.89
C LEU B 430 23.26 -2.33 -3.08
N VAL B 431 22.59 -2.38 -4.22
CA VAL B 431 23.03 -1.69 -5.41
C VAL B 431 22.58 -0.23 -5.34
N SER B 432 23.51 0.65 -4.96
CA SER B 432 23.22 2.07 -4.84
C SER B 432 23.84 2.85 -6.00
N PHE B 433 24.73 2.19 -6.74
CA PHE B 433 25.59 2.85 -7.71
C PHE B 433 25.83 1.98 -8.93
N THR B 434 25.59 2.53 -10.11
CA THR B 434 25.98 1.87 -11.36
C THR B 434 26.76 2.83 -12.25
N HIS B 435 27.61 2.27 -13.12
CA HIS B 435 28.44 3.07 -14.01
C HIS B 435 28.61 2.37 -15.36
N TRP B 436 27.48 2.17 -16.03
CA TRP B 436 27.47 1.44 -17.30
C TRP B 436 28.17 2.21 -18.40
N HIS B 437 28.84 1.47 -19.28
CA HIS B 437 29.28 2.00 -20.56
C HIS B 437 28.04 2.37 -21.36
N PRO B 438 28.19 3.25 -22.36
CA PRO B 438 27.07 3.58 -23.25
C PRO B 438 26.45 2.34 -23.89
N PHE B 439 25.12 2.30 -23.88
CA PHE B 439 24.33 1.23 -24.48
C PHE B 439 24.53 -0.11 -23.77
N GLU B 440 24.99 -0.05 -22.54
CA GLU B 440 25.02 -1.21 -21.64
C GLU B 440 24.05 -0.93 -20.48
N PRO B 441 23.52 -1.99 -19.84
CA PRO B 441 23.73 -3.41 -20.17
C PRO B 441 22.90 -3.82 -21.37
N ASN B 442 23.20 -4.97 -21.97
CA ASN B 442 22.50 -5.39 -23.18
C ASN B 442 22.57 -6.87 -23.43
N ASN B 443 22.98 -7.63 -22.43
CA ASN B 443 23.18 -9.06 -22.61
C ASN B 443 21.91 -9.85 -22.31
N PHE B 444 20.99 -9.24 -21.57
CA PHE B 444 19.67 -9.84 -21.36
C PHE B 444 18.91 -9.92 -22.68
N ARG B 445 19.37 -9.18 -23.69
CA ARG B 445 18.80 -9.23 -25.04
C ARG B 445 19.24 -10.49 -25.78
N ASP B 446 20.09 -11.29 -25.14
CA ASP B 446 20.55 -12.56 -25.70
C ASP B 446 20.54 -13.64 -24.64
N SER B 447 21.57 -13.68 -23.81
CA SER B 447 21.70 -14.70 -22.79
C SER B 447 20.61 -14.58 -21.74
N LEU B 448 20.55 -15.59 -20.87
CA LEU B 448 19.61 -15.63 -19.77
C LEU B 448 20.34 -15.42 -18.44
N GLU B 449 21.67 -15.42 -18.51
CA GLU B 449 22.53 -15.18 -17.36
C GLU B 449 23.55 -14.09 -17.70
N ASP B 450 23.46 -12.96 -17.02
CA ASP B 450 24.34 -11.82 -17.28
C ASP B 450 25.21 -11.52 -16.07
N CYS B 451 26.51 -11.33 -16.34
CA CYS B 451 27.47 -10.95 -15.32
C CYS B 451 28.16 -9.68 -15.78
N VAL B 452 28.86 -9.01 -14.87
CA VAL B 452 29.36 -7.65 -15.12
C VAL B 452 30.88 -7.52 -14.99
N THR B 453 31.45 -6.73 -15.88
CA THR B 453 32.89 -6.45 -15.88
C THR B 453 33.17 -4.95 -15.83
N ILE B 454 34.40 -4.60 -15.47
CA ILE B 454 34.95 -3.28 -15.75
C ILE B 454 35.73 -3.45 -17.05
N TRP B 455 35.60 -2.51 -17.99
CA TRP B 455 36.05 -2.74 -19.37
C TRP B 455 37.06 -1.74 -19.96
N GLY B 456 37.43 -0.70 -19.23
CA GLY B 456 38.39 0.25 -19.78
C GLY B 456 39.08 1.13 -18.77
N PRO B 457 39.79 2.15 -19.26
CA PRO B 457 40.55 3.05 -18.39
C PRO B 457 39.65 3.99 -17.58
N GLU B 458 38.41 4.17 -18.02
CA GLU B 458 37.44 5.00 -17.30
C GLU B 458 36.78 4.23 -16.16
N GLY B 459 36.78 2.91 -16.26
CA GLY B 459 36.20 2.06 -15.22
C GLY B 459 34.70 1.83 -15.37
N ARG B 460 34.17 2.08 -16.56
CA ARG B 460 32.75 1.83 -16.82
C ARG B 460 32.49 0.35 -17.05
N TRP B 461 31.22 -0.04 -16.95
CA TRP B 461 30.85 -1.44 -16.84
C TRP B 461 30.14 -1.97 -18.09
N ASN B 462 30.47 -3.23 -18.45
CA ASN B 462 29.71 -4.00 -19.42
C ASN B 462 28.98 -5.11 -18.70
N ASP B 463 28.00 -5.70 -19.35
CA ASP B 463 27.49 -6.99 -18.90
C ASP B 463 27.84 -8.00 -20.00
N SER B 464 28.00 -9.26 -19.60
CA SER B 464 28.51 -10.28 -20.50
C SER B 464 28.03 -11.65 -20.08
N PRO B 465 28.05 -12.62 -21.01
CA PRO B 465 27.82 -14.00 -20.58
C PRO B 465 28.86 -14.38 -19.53
N CYS B 466 28.40 -15.07 -18.48
CA CYS B 466 29.30 -15.47 -17.40
C CYS B 466 30.33 -16.51 -17.86
N ASN B 467 30.11 -17.03 -19.08
CA ASN B 467 31.02 -17.95 -19.77
C ASN B 467 32.45 -17.43 -19.96
N GLN B 468 32.57 -16.12 -20.11
CA GLN B 468 33.82 -15.49 -20.53
C GLN B 468 34.92 -15.61 -19.49
N SER B 469 36.16 -15.74 -19.95
CA SER B 469 37.30 -16.00 -19.08
C SER B 469 38.13 -14.73 -18.88
N LEU B 470 38.11 -14.21 -17.65
CA LEU B 470 38.72 -12.91 -17.36
C LEU B 470 39.39 -12.90 -16.00
N PRO B 471 40.33 -11.96 -15.79
CA PRO B 471 40.78 -11.72 -14.43
C PRO B 471 39.64 -11.10 -13.63
N SER B 472 39.83 -10.90 -12.33
CA SER B 472 38.77 -10.40 -11.47
C SER B 472 39.36 -9.66 -10.28
N ILE B 473 38.49 -8.98 -9.53
CA ILE B 473 38.92 -8.27 -8.33
C ILE B 473 38.07 -8.72 -7.15
N CYS B 474 38.73 -8.89 -6.01
CA CYS B 474 38.08 -9.38 -4.80
C CYS B 474 37.99 -8.29 -3.74
N LYS B 475 37.03 -8.44 -2.84
CA LYS B 475 36.78 -7.45 -1.80
C LYS B 475 36.45 -8.11 -0.47
N LYS B 476 37.06 -7.61 0.60
CA LYS B 476 36.77 -8.08 1.96
C LYS B 476 36.96 -6.95 2.96
N ALA B 477 36.42 -7.14 4.16
CA ALA B 477 36.49 -6.13 5.21
C ALA B 477 37.88 -6.04 5.82
N GLY B 478 38.23 -4.86 6.33
CA GLY B 478 39.52 -4.63 6.95
C GLY B 478 39.42 -4.54 8.47
N GLN B 479 40.58 -4.50 9.12
CA GLN B 479 40.68 -4.38 10.57
C GLN B 479 41.01 -2.94 10.96
N LEU B 480 40.23 -2.40 11.89
CA LEU B 480 40.44 -1.05 12.39
C LEU B 480 41.48 -1.01 13.49
NA NA C . -21.82 -13.30 -7.09
NA NA D . -32.85 0.84 0.01
S SO4 E . -0.18 -38.60 3.35
O1 SO4 E . 0.53 -38.26 2.12
O2 SO4 E . 0.70 -38.41 4.49
O3 SO4 E . -1.34 -37.73 3.51
O4 SO4 E . -0.61 -39.99 3.30
S SO4 F . 12.07 -26.72 6.59
O1 SO4 F . 12.56 -25.95 5.44
O2 SO4 F . 13.21 -27.19 7.40
O3 SO4 F . 11.19 -25.88 7.40
O4 SO4 F . 11.35 -27.90 6.12
NA NA G . 12.47 4.51 -29.65
NA NA H . 26.84 -6.33 -22.84
S SO4 I . 16.01 17.34 -27.65
O1 SO4 I . 16.57 18.30 -28.62
O2 SO4 I . 17.05 16.99 -26.67
O3 SO4 I . 14.86 17.93 -26.98
O4 SO4 I . 15.60 16.13 -28.36
S SO4 J . -12.71 26.81 -10.44
O1 SO4 J . -11.72 27.21 -11.44
O2 SO4 J . -12.07 25.93 -9.47
O3 SO4 J . -13.26 28.01 -9.80
O4 SO4 J . -13.78 26.07 -11.12
#